data_8DHV
#
_entry.id   8DHV
#
_cell.length_a   94.302
_cell.length_b   94.302
_cell.length_c   287.954
_cell.angle_alpha   90.000
_cell.angle_beta   90.000
_cell.angle_gamma   90.000
#
_symmetry.space_group_name_H-M   'P 41 21 2'
#
loop_
_entity.id
_entity.type
_entity.pdbx_description
1 polymer 'Glycosyl hydrolase family 2, TIM barrel domain protein'
2 non-polymer 'SULFATE ION'
3 non-polymer (4S)-2-METHYL-2,4-PENTANEDIOL
4 non-polymer 'CHLORIDE ION'
5 water water
#
_entity_poly.entity_id   1
_entity_poly.type   'polypeptide(L)'
_entity_poly.pdbx_seq_one_letter_code
;MHHHHHHSSGVDLGTENLYFQSNAMLYPILTQSRMLIDLSGTWRFKLDDGSGFEKKWYEKTLDDAQLMPVPSSYNDIKES
ADLRDHYGWVFYQRDLNIPAYLKTQRIVLRFAAVTHSAKVYVNGTLLCEHKGGFLPFETEIPENLIRDENLLTVAVDNRI
DHSTLPVGREDESNVLGGSFFPYTPTKKQNKPNFDFFNYCGITRPVKLYTTPKDAYISDITLTSSLENNTARINYKIDTK
GSAHTAIGVYTKQGVCVAQTENTGTEGSLTIENAVLWEPLKPYLYEVKISFGEDRYTLPYGIRSVAVKGNKFLINNKPFY
FKGYGKHEDTFPAGRGLNMPMNAKDISLMKWQGANSFRTSHYPYSEEMMRLCDEEGIVVIDETTAVGVHLNFGGGAALKD
GKRVNTFDPIEQGGIRTQSHHKEVIKDLIARDKNHACVVMWSIANEADTGSKGAYEYFKPLFDLARELDPQKRPCTLVSL
QMVNYKEDCTIKLSDVFCLNRYYGWYTCGADLQAAEKMCREELEFWNSLGKPFMYTEYGADTVMGLHDTTDSMFTEEYQV
EYYKTNHKVTDTLDCFIGEQVWNFADFATSQGLIRVQGNKKGLFTRDRKPKLAAHYFKERWSKIPDFGYKK
;
_entity_poly.pdbx_strand_id   A,B
#
loop_
_chem_comp.id
_chem_comp.type
_chem_comp.name
_chem_comp.formula
CL non-polymer 'CHLORIDE ION' 'Cl -1'
MPD non-polymer (4S)-2-METHYL-2,4-PENTANEDIOL 'C6 H14 O2'
SO4 non-polymer 'SULFATE ION' 'O4 S -2'
#
# COMPACT_ATOMS: atom_id res chain seq x y z
N ASN A 23 0.64 13.28 -25.75
CA ASN A 23 -0.27 14.10 -24.96
C ASN A 23 -1.50 13.31 -24.53
N ALA A 24 -2.14 12.64 -25.49
CA ALA A 24 -3.27 11.77 -25.19
C ALA A 24 -2.82 10.65 -24.26
N MET A 25 -3.53 10.50 -23.12
CA MET A 25 -3.14 9.53 -22.10
C MET A 25 -4.39 8.83 -21.56
N LEU A 26 -4.92 7.89 -22.33
CA LEU A 26 -5.94 7.00 -21.79
C LEU A 26 -5.36 6.15 -20.65
N TYR A 27 -6.15 5.92 -19.62
CA TYR A 27 -5.69 5.10 -18.51
C TYR A 27 -5.51 3.66 -18.99
N PRO A 28 -4.36 3.03 -18.75
CA PRO A 28 -4.15 1.65 -19.24
C PRO A 28 -5.02 0.64 -18.50
N ILE A 29 -5.76 -0.15 -19.27
CA ILE A 29 -6.65 -1.18 -18.78
C ILE A 29 -6.43 -2.46 -19.57
N LEU A 30 -6.80 -3.58 -18.96
CA LEU A 30 -6.75 -4.88 -19.59
C LEU A 30 -7.99 -5.05 -20.46
N THR A 31 -7.80 -5.29 -21.76
CA THR A 31 -8.92 -5.45 -22.69
C THR A 31 -8.66 -6.63 -23.62
N GLN A 32 -9.66 -6.93 -24.45
CA GLN A 32 -9.52 -8.00 -25.43
C GLN A 32 -8.42 -7.73 -26.45
N SER A 33 -7.93 -6.50 -26.54
CA SER A 33 -6.85 -6.17 -27.46
C SER A 33 -5.58 -5.66 -26.78
N ARG A 34 -5.56 -5.57 -25.45
CA ARG A 34 -4.49 -4.86 -24.74
C ARG A 34 -4.04 -5.65 -23.53
N MET A 35 -2.78 -6.07 -23.53
CA MET A 35 -2.12 -6.58 -22.33
C MET A 35 -1.86 -5.45 -21.35
N LEU A 36 -1.81 -5.78 -20.07
CA LEU A 36 -1.42 -4.83 -19.04
C LEU A 36 -0.52 -5.56 -18.05
N ILE A 37 0.75 -5.20 -18.02
CA ILE A 37 1.74 -5.88 -17.20
C ILE A 37 2.30 -4.85 -16.22
N ASP A 38 1.95 -4.99 -14.95
CA ASP A 38 2.47 -4.07 -13.94
C ASP A 38 3.91 -4.44 -13.64
N LEU A 39 4.80 -3.44 -13.64
CA LEU A 39 6.21 -3.66 -13.38
C LEU A 39 6.58 -3.23 -11.97
N SER A 40 5.59 -2.87 -11.16
CA SER A 40 5.78 -2.50 -9.77
C SER A 40 6.32 -3.69 -8.98
N GLY A 41 6.97 -3.38 -7.87
CA GLY A 41 7.57 -4.41 -7.06
C GLY A 41 8.83 -3.87 -6.41
N THR A 42 9.74 -4.79 -6.09
CA THR A 42 11.03 -4.44 -5.49
C THR A 42 12.03 -4.17 -6.61
N TRP A 43 12.58 -2.96 -6.63
CA TRP A 43 13.57 -2.56 -7.61
C TRP A 43 14.92 -2.29 -6.94
N ARG A 44 15.98 -2.36 -7.74
CA ARG A 44 17.28 -1.88 -7.29
C ARG A 44 17.32 -0.35 -7.31
N PHE A 45 18.13 0.23 -6.42
CA PHE A 45 18.08 1.66 -6.15
C PHE A 45 19.47 2.10 -5.72
N LYS A 46 19.98 3.17 -6.32
CA LYS A 46 21.32 3.67 -5.98
C LYS A 46 21.31 5.20 -6.05
N LEU A 47 21.76 5.85 -4.98
CA LEU A 47 21.96 7.30 -4.99
C LEU A 47 23.05 7.65 -6.00
N ASP A 48 22.80 8.67 -6.80
CA ASP A 48 23.89 9.23 -7.62
C ASP A 48 24.91 9.90 -6.71
N ASP A 49 26.19 9.77 -7.08
CA ASP A 49 27.28 10.44 -6.39
C ASP A 49 27.98 11.46 -7.26
N GLY A 50 27.34 11.89 -8.34
CA GLY A 50 27.94 12.80 -9.30
C GLY A 50 28.53 12.11 -10.52
N SER A 51 28.67 10.79 -10.52
CA SER A 51 29.29 10.08 -11.62
C SER A 51 28.35 9.12 -12.34
N GLY A 52 27.08 9.04 -11.94
CA GLY A 52 26.20 8.00 -12.46
C GLY A 52 25.99 8.07 -13.96
N PHE A 53 25.92 9.29 -14.50
CA PHE A 53 25.77 9.40 -15.94
C PHE A 53 27.11 9.30 -16.65
N GLU A 54 28.16 9.92 -16.08
CA GLU A 54 29.51 9.79 -16.64
C GLU A 54 29.90 8.32 -16.74
N LYS A 55 29.69 7.56 -15.67
CA LYS A 55 30.01 6.14 -15.62
C LYS A 55 28.96 5.24 -16.29
N LYS A 56 27.88 5.81 -16.83
CA LYS A 56 26.85 5.06 -17.55
C LYS A 56 26.34 3.87 -16.73
N TRP A 57 25.84 4.17 -15.54
CA TRP A 57 25.32 3.14 -14.64
C TRP A 57 24.18 2.37 -15.28
N TYR A 58 23.42 3.02 -16.17
CA TYR A 58 22.27 2.37 -16.79
C TYR A 58 22.65 1.25 -17.75
N GLU A 59 23.93 1.12 -18.13
CA GLU A 59 24.31 0.09 -19.08
C GLU A 59 24.52 -1.28 -18.44
N LYS A 60 24.68 -1.34 -17.12
CA LYS A 60 24.87 -2.61 -16.42
C LYS A 60 23.95 -2.67 -15.21
N THR A 61 23.89 -3.86 -14.61
CA THR A 61 23.25 -4.02 -13.31
C THR A 61 23.85 -3.05 -12.31
N LEU A 62 22.98 -2.39 -11.56
CA LEU A 62 23.45 -1.48 -10.51
C LEU A 62 24.26 -2.25 -9.49
N ASP A 63 25.47 -1.76 -9.22
CA ASP A 63 26.38 -2.42 -8.29
C ASP A 63 26.27 -1.78 -6.93
N ASP A 64 26.34 -2.61 -5.88
CA ASP A 64 26.31 -2.15 -4.49
C ASP A 64 25.09 -1.25 -4.27
N ALA A 65 23.95 -1.72 -4.73
CA ALA A 65 22.71 -0.96 -4.65
C ALA A 65 21.90 -1.37 -3.42
N GLN A 66 20.87 -0.57 -3.14
CA GLN A 66 19.85 -0.91 -2.16
C GLN A 66 18.63 -1.46 -2.91
N LEU A 67 17.59 -1.81 -2.16
CA LEU A 67 16.31 -2.20 -2.74
C LEU A 67 15.23 -1.23 -2.30
N MET A 68 14.30 -0.93 -3.21
CA MET A 68 13.36 0.11 -2.87
C MET A 68 12.03 -0.33 -3.49
N PRO A 69 10.91 -0.18 -2.78
CA PRO A 69 9.61 -0.56 -3.36
C PRO A 69 9.15 0.47 -4.39
N VAL A 70 8.51 -0.03 -5.44
CA VAL A 70 7.93 0.79 -6.51
C VAL A 70 6.48 0.33 -6.67
N PRO A 71 5.48 1.22 -6.63
CA PRO A 71 5.60 2.67 -6.47
C PRO A 71 5.78 3.08 -5.02
N SER A 72 6.48 4.19 -4.82
CA SER A 72 6.69 4.79 -3.50
C SER A 72 7.58 6.02 -3.66
N SER A 73 7.46 6.98 -2.76
CA SER A 73 8.55 7.93 -2.59
C SER A 73 9.69 7.21 -1.87
N TYR A 74 10.93 7.58 -2.21
CA TYR A 74 12.06 6.89 -1.59
C TYR A 74 12.46 7.49 -0.25
N ASN A 75 11.96 8.67 0.12
CA ASN A 75 12.61 9.44 1.19
C ASN A 75 12.44 8.84 2.58
N ASP A 76 11.33 8.15 2.87
CA ASP A 76 11.06 7.68 4.21
C ASP A 76 11.16 6.17 4.37
N ILE A 77 11.58 5.45 3.33
CA ILE A 77 11.58 3.98 3.41
C ILE A 77 12.67 3.48 4.36
N LYS A 78 13.85 4.10 4.32
CA LYS A 78 14.96 3.74 5.20
C LYS A 78 14.99 4.66 6.43
N GLU A 79 16.08 4.59 7.22
CA GLU A 79 16.25 5.42 8.40
C GLU A 79 17.40 6.41 8.23
N SER A 80 17.64 6.87 7.01
CA SER A 80 18.83 7.63 6.66
C SER A 80 18.45 9.07 6.34
N ALA A 81 19.00 10.02 7.11
CA ALA A 81 18.75 11.43 6.77
C ALA A 81 19.40 11.81 5.46
N ASP A 82 20.57 11.24 5.15
CA ASP A 82 21.22 11.53 3.88
C ASP A 82 20.33 11.12 2.70
N LEU A 83 19.61 10.00 2.83
N LEU A 83 19.62 10.01 2.83
CA LEU A 83 18.70 9.59 1.77
CA LEU A 83 18.70 9.58 1.79
C LEU A 83 17.45 10.47 1.74
C LEU A 83 17.46 10.46 1.75
N ARG A 84 16.87 10.73 2.92
CA ARG A 84 15.68 11.58 2.98
C ARG A 84 15.96 12.96 2.37
N ASP A 85 17.11 13.54 2.70
CA ASP A 85 17.47 14.89 2.30
C ASP A 85 18.42 14.92 1.10
N HIS A 86 18.47 13.83 0.34
CA HIS A 86 19.34 13.75 -0.83
C HIS A 86 19.07 14.89 -1.80
N TYR A 87 20.12 15.32 -2.49
CA TYR A 87 20.02 16.38 -3.47
C TYR A 87 20.51 15.84 -4.81
N GLY A 88 19.63 15.82 -5.81
CA GLY A 88 20.04 15.41 -7.14
C GLY A 88 19.39 14.13 -7.60
N TRP A 89 20.16 13.26 -8.24
CA TRP A 89 19.64 12.11 -8.96
C TRP A 89 19.72 10.83 -8.13
N VAL A 90 18.81 9.90 -8.41
CA VAL A 90 18.90 8.52 -7.97
C VAL A 90 18.62 7.64 -9.19
N PHE A 91 19.07 6.39 -9.12
CA PHE A 91 18.85 5.44 -10.21
C PHE A 91 18.04 4.25 -9.71
N TYR A 92 16.91 3.97 -10.35
CA TYR A 92 16.16 2.75 -10.13
C TYR A 92 16.43 1.77 -11.26
N GLN A 93 16.32 0.48 -10.96
CA GLN A 93 16.53 -0.49 -12.04
C GLN A 93 15.86 -1.81 -11.72
N ARG A 94 15.33 -2.48 -12.76
CA ARG A 94 14.87 -3.84 -12.63
C ARG A 94 15.16 -4.59 -13.93
N ASP A 95 15.15 -5.92 -13.84
CA ASP A 95 15.23 -6.74 -15.05
C ASP A 95 13.88 -6.72 -15.79
N LEU A 96 13.95 -6.82 -17.12
CA LEU A 96 12.75 -6.81 -17.96
C LEU A 96 12.89 -7.96 -18.96
N ASN A 97 12.35 -9.13 -18.60
CA ASN A 97 12.43 -10.33 -19.43
C ASN A 97 11.02 -10.67 -19.86
N ILE A 98 10.72 -10.43 -21.13
CA ILE A 98 9.34 -10.53 -21.61
C ILE A 98 9.31 -11.45 -22.83
N PRO A 99 8.14 -12.01 -23.14
CA PRO A 99 8.05 -12.91 -24.31
C PRO A 99 8.25 -12.16 -25.62
N ALA A 100 9.05 -12.77 -26.48
CA ALA A 100 9.29 -12.21 -27.81
C ALA A 100 8.01 -12.11 -28.63
N TYR A 101 6.99 -12.92 -28.31
CA TYR A 101 5.77 -12.84 -29.10
C TYR A 101 5.01 -11.55 -28.86
N LEU A 102 5.34 -10.79 -27.81
CA LEU A 102 4.76 -9.46 -27.66
C LEU A 102 5.11 -8.54 -28.83
N LYS A 103 6.17 -8.86 -29.57
CA LYS A 103 6.63 -8.00 -30.67
C LYS A 103 5.66 -7.97 -31.85
N THR A 104 4.65 -8.84 -31.89
CA THR A 104 3.59 -8.68 -32.90
C THR A 104 2.67 -7.52 -32.58
N GLN A 105 2.74 -6.98 -31.36
CA GLN A 105 1.94 -5.87 -30.89
C GLN A 105 2.81 -4.63 -30.76
N ARG A 106 2.14 -3.50 -30.59
CA ARG A 106 2.81 -2.27 -30.18
C ARG A 106 3.02 -2.32 -28.66
N ILE A 107 4.27 -2.15 -28.23
CA ILE A 107 4.67 -2.30 -26.83
C ILE A 107 4.94 -0.91 -26.25
N VAL A 108 4.25 -0.55 -25.17
CA VAL A 108 4.33 0.77 -24.57
C VAL A 108 4.69 0.66 -23.09
N LEU A 109 5.63 1.49 -22.66
CA LEU A 109 6.00 1.63 -21.26
C LEU A 109 5.33 2.89 -20.72
N ARG A 110 4.42 2.73 -19.74
CA ARG A 110 3.73 3.86 -19.15
C ARG A 110 4.23 4.12 -17.73
N PHE A 111 4.66 5.36 -17.49
CA PHE A 111 5.05 5.87 -16.18
C PHE A 111 3.94 6.78 -15.70
N ALA A 112 3.16 6.33 -14.70
CA ALA A 112 2.05 7.15 -14.24
C ALA A 112 2.54 8.42 -13.55
N ALA A 113 3.65 8.36 -12.82
CA ALA A 113 4.30 9.57 -12.34
C ALA A 113 5.71 9.26 -11.83
N VAL A 114 6.67 10.08 -12.21
CA VAL A 114 8.04 10.02 -11.68
C VAL A 114 8.40 11.44 -11.23
N THR A 115 8.73 11.61 -9.95
CA THR A 115 8.85 12.93 -9.34
C THR A 115 10.33 13.19 -9.03
N HIS A 116 10.91 14.25 -9.63
CA HIS A 116 10.27 15.26 -10.48
C HIS A 116 10.51 15.08 -11.96
N SER A 117 11.74 14.69 -12.32
CA SER A 117 12.13 14.49 -13.71
C SER A 117 12.77 13.12 -13.87
N ALA A 118 12.70 12.57 -15.09
CA ALA A 118 13.02 11.19 -15.34
C ALA A 118 13.84 11.06 -16.62
N LYS A 119 14.79 10.12 -16.61
CA LYS A 119 15.39 9.61 -17.83
C LYS A 119 15.22 8.10 -17.82
N VAL A 120 14.69 7.56 -18.91
CA VAL A 120 14.31 6.17 -18.97
C VAL A 120 15.20 5.48 -19.99
N TYR A 121 15.88 4.42 -19.56
CA TYR A 121 16.77 3.64 -20.42
C TYR A 121 16.28 2.20 -20.51
N VAL A 122 16.29 1.64 -21.71
CA VAL A 122 16.19 0.19 -21.89
C VAL A 122 17.53 -0.27 -22.42
N ASN A 123 18.20 -1.14 -21.65
CA ASN A 123 19.60 -1.52 -21.89
C ASN A 123 20.42 -0.23 -21.96
N GLY A 124 21.31 -0.07 -22.93
CA GLY A 124 22.09 1.15 -22.89
C GLY A 124 21.44 2.36 -23.54
N THR A 125 20.16 2.31 -23.87
CA THR A 125 19.55 3.27 -24.79
C THR A 125 18.56 4.16 -24.06
N LEU A 126 18.77 5.47 -24.14
CA LEU A 126 17.83 6.44 -23.59
C LEU A 126 16.56 6.45 -24.43
N LEU A 127 15.44 6.07 -23.83
CA LEU A 127 14.18 6.03 -24.56
C LEU A 127 13.38 7.33 -24.45
N CYS A 128 13.33 7.94 -23.26
CA CYS A 128 12.62 9.20 -23.14
C CYS A 128 13.09 9.93 -21.90
N GLU A 129 12.74 11.22 -21.86
CA GLU A 129 12.98 12.12 -20.75
C GLU A 129 11.68 12.85 -20.47
N HIS A 130 11.43 13.19 -19.20
CA HIS A 130 10.20 13.85 -18.85
C HIS A 130 10.45 14.86 -17.75
N LYS A 131 9.78 16.01 -17.84
CA LYS A 131 9.78 17.02 -16.79
C LYS A 131 8.36 17.18 -16.26
N GLY A 132 8.20 17.13 -14.93
CA GLY A 132 6.89 17.23 -14.34
C GLY A 132 6.57 16.01 -13.51
N GLY A 133 6.53 16.18 -12.19
CA GLY A 133 6.53 15.01 -11.35
C GLY A 133 5.21 14.34 -11.05
N PHE A 134 4.10 14.80 -11.64
CA PHE A 134 2.79 14.38 -11.14
C PHE A 134 1.80 13.99 -12.23
N LEU A 135 2.28 13.81 -13.46
CA LEU A 135 1.44 13.47 -14.60
C LEU A 135 2.13 12.39 -15.42
N PRO A 136 1.37 11.55 -16.11
CA PRO A 136 1.94 10.38 -16.77
C PRO A 136 2.68 10.72 -18.07
N PHE A 137 3.53 9.78 -18.47
CA PHE A 137 4.22 9.85 -19.74
C PHE A 137 4.55 8.43 -20.19
N GLU A 138 4.73 8.26 -21.50
CA GLU A 138 4.91 6.92 -22.01
C GLU A 138 5.83 6.94 -23.22
N THR A 139 6.34 5.76 -23.57
CA THR A 139 7.19 5.62 -24.73
C THR A 139 7.00 4.22 -25.30
N GLU A 140 6.88 4.14 -26.62
CA GLU A 140 6.98 2.85 -27.27
C GLU A 140 8.39 2.29 -27.09
N ILE A 141 8.49 0.97 -26.92
CA ILE A 141 9.78 0.29 -26.93
C ILE A 141 10.02 -0.21 -28.35
N PRO A 142 11.03 0.30 -29.06
CA PRO A 142 11.32 -0.25 -30.39
C PRO A 142 11.68 -1.73 -30.29
N GLU A 143 11.08 -2.55 -31.16
CA GLU A 143 11.24 -3.99 -30.95
C GLU A 143 12.67 -4.44 -31.15
N ASN A 144 13.46 -3.71 -31.95
CA ASN A 144 14.87 -4.05 -32.12
C ASN A 144 15.65 -3.93 -30.83
N LEU A 145 15.17 -3.11 -29.88
CA LEU A 145 15.87 -2.92 -28.63
C LEU A 145 15.66 -4.06 -27.64
N ILE A 146 14.61 -4.86 -27.83
CA ILE A 146 14.26 -5.91 -26.89
C ILE A 146 15.10 -7.14 -27.18
N ARG A 147 16.07 -7.42 -26.31
CA ARG A 147 16.91 -8.61 -26.39
C ARG A 147 16.29 -9.72 -25.54
N ASP A 148 16.99 -10.85 -25.46
CA ASP A 148 16.48 -11.96 -24.66
C ASP A 148 16.36 -11.55 -23.18
N GLU A 149 17.34 -10.80 -22.69
CA GLU A 149 17.31 -10.27 -21.33
C GLU A 149 17.55 -8.77 -21.40
N ASN A 150 16.76 -8.01 -20.65
CA ASN A 150 16.84 -6.56 -20.70
C ASN A 150 16.92 -5.97 -19.31
N LEU A 151 17.48 -4.77 -19.25
CA LEU A 151 17.49 -3.94 -18.05
C LEU A 151 16.66 -2.69 -18.32
N LEU A 152 15.82 -2.34 -17.34
CA LEU A 152 15.07 -1.09 -17.36
C LEU A 152 15.62 -0.21 -16.24
N THR A 153 16.19 0.94 -16.60
CA THR A 153 16.76 1.86 -15.63
C THR A 153 16.01 3.18 -15.70
N VAL A 154 15.66 3.73 -14.53
CA VAL A 154 14.94 5.00 -14.47
C VAL A 154 15.74 5.92 -13.54
N ALA A 155 16.34 6.96 -14.12
CA ALA A 155 17.01 7.99 -13.32
C ALA A 155 15.98 9.05 -12.94
N VAL A 156 15.99 9.45 -11.67
CA VAL A 156 14.97 10.32 -11.11
C VAL A 156 15.66 11.52 -10.47
N ASP A 157 15.30 12.72 -10.91
CA ASP A 157 15.89 13.96 -10.41
C ASP A 157 14.93 14.62 -9.42
N ASN A 158 15.44 15.05 -8.25
CA ASN A 158 14.55 15.66 -7.26
C ASN A 158 14.70 17.17 -7.17
N ARG A 159 15.51 17.78 -8.03
CA ARG A 159 15.88 19.19 -7.86
C ARG A 159 14.77 20.12 -8.34
N ILE A 160 14.61 21.23 -7.63
CA ILE A 160 13.57 22.22 -7.91
C ILE A 160 14.21 23.61 -7.93
N ASP A 161 13.65 24.50 -8.75
CA ASP A 161 14.17 25.86 -8.85
C ASP A 161 13.10 26.78 -9.47
N HIS A 162 13.51 27.95 -9.96
CA HIS A 162 12.56 28.91 -10.53
C HIS A 162 11.96 28.44 -11.85
N SER A 163 12.33 27.28 -12.37
CA SER A 163 11.80 26.78 -13.62
C SER A 163 10.93 25.54 -13.45
N THR A 164 10.82 25.00 -12.24
CA THR A 164 10.04 23.79 -12.00
C THR A 164 8.69 24.13 -11.37
N LEU A 165 7.74 23.23 -11.54
CA LEU A 165 6.47 23.26 -10.83
C LEU A 165 6.34 21.93 -10.10
N PRO A 166 6.38 21.90 -8.76
CA PRO A 166 6.45 23.04 -7.83
C PRO A 166 7.78 23.79 -7.85
N VAL A 167 7.76 25.05 -7.40
CA VAL A 167 8.90 25.95 -7.49
C VAL A 167 9.87 25.70 -6.33
N GLY A 168 11.16 25.69 -6.63
CA GLY A 168 12.20 25.75 -5.62
C GLY A 168 12.79 27.14 -5.57
N ARG A 169 13.08 27.61 -4.36
CA ARG A 169 13.77 28.87 -4.17
C ARG A 169 15.21 28.77 -4.63
N GLU A 170 15.76 29.91 -5.06
CA GLU A 170 17.17 29.99 -5.38
C GLU A 170 17.86 30.86 -4.33
N ASP A 171 17.73 32.19 -4.42
CA ASP A 171 18.29 33.08 -3.40
C ASP A 171 17.26 33.54 -2.36
N GLU A 172 15.96 33.31 -2.61
CA GLU A 172 14.93 33.69 -1.65
C GLU A 172 15.13 32.95 -0.33
N SER A 173 14.81 33.62 0.77
CA SER A 173 15.03 33.05 2.08
C SER A 173 13.86 32.15 2.51
N ASN A 174 14.11 31.36 3.54
CA ASN A 174 13.14 30.42 4.10
C ASN A 174 12.23 31.14 5.08
N VAL A 175 10.96 31.34 4.68
CA VAL A 175 10.03 32.09 5.50
C VAL A 175 9.37 31.21 6.56
N LEU A 176 9.17 29.92 6.27
CA LEU A 176 8.62 29.00 7.26
C LEU A 176 9.69 28.30 8.08
N GLY A 177 10.93 28.25 7.59
CA GLY A 177 12.00 27.55 8.29
C GLY A 177 13.23 28.40 8.56
N GLY A 178 13.03 29.68 8.86
CA GLY A 178 14.14 30.55 9.12
C GLY A 178 14.72 30.35 10.51
N SER A 179 16.03 30.55 10.61
CA SER A 179 16.71 30.50 11.88
C SER A 179 16.75 31.89 12.52
N PHE A 180 16.95 31.91 13.85
CA PHE A 180 17.25 33.17 14.53
C PHE A 180 18.64 33.67 14.19
N PHE A 181 19.58 32.77 13.92
CA PHE A 181 20.95 33.10 13.60
C PHE A 181 21.35 32.33 12.35
N PRO A 182 21.97 32.98 11.37
CA PRO A 182 22.31 32.29 10.11
C PRO A 182 23.34 31.20 10.34
N TYR A 183 23.32 30.21 9.45
CA TYR A 183 24.29 29.12 9.51
C TYR A 183 24.54 28.60 8.10
N THR A 184 25.68 27.94 7.95
CA THR A 184 26.04 27.31 6.68
C THR A 184 25.60 25.85 6.69
N PRO A 185 24.71 25.42 5.80
CA PRO A 185 24.31 24.01 5.78
C PRO A 185 25.49 23.10 5.49
N THR A 186 25.42 21.87 6.02
CA THR A 186 26.48 20.90 5.78
C THR A 186 26.57 20.51 4.31
N LYS A 187 25.41 20.31 3.67
CA LYS A 187 25.32 19.88 2.28
C LYS A 187 24.32 20.76 1.54
N LYS A 188 24.54 20.91 0.24
CA LYS A 188 23.56 21.57 -0.62
C LYS A 188 22.25 20.79 -0.64
N GLN A 189 21.14 21.50 -0.52
CA GLN A 189 19.82 20.88 -0.48
C GLN A 189 18.84 21.70 -1.28
N ASN A 190 17.74 21.07 -1.66
CA ASN A 190 16.63 21.77 -2.27
C ASN A 190 16.05 22.80 -1.28
N LYS A 191 15.47 23.86 -1.83
CA LYS A 191 14.88 24.95 -1.05
C LYS A 191 13.43 25.10 -1.47
N PRO A 192 12.52 24.24 -0.98
CA PRO A 192 11.13 24.28 -1.46
C PRO A 192 10.50 25.64 -1.23
N ASN A 193 9.76 26.11 -2.23
CA ASN A 193 8.92 27.31 -2.09
C ASN A 193 7.48 26.91 -1.83
N PHE A 194 7.31 25.84 -1.07
CA PHE A 194 6.01 25.26 -0.76
C PHE A 194 6.16 24.53 0.57
N ASP A 195 5.03 24.32 1.25
CA ASP A 195 5.07 23.79 2.62
C ASP A 195 5.37 22.28 2.62
N PHE A 196 4.69 21.52 1.77
CA PHE A 196 4.75 20.06 1.84
C PHE A 196 6.14 19.51 1.52
N PHE A 197 6.44 18.35 2.11
CA PHE A 197 7.76 17.73 1.94
C PHE A 197 7.99 17.32 0.49
N ASN A 198 9.23 17.48 0.04
CA ASN A 198 9.64 17.22 -1.35
C ASN A 198 9.85 15.72 -1.62
N TYR A 199 8.76 14.96 -1.49
CA TYR A 199 8.82 13.52 -1.74
C TYR A 199 9.06 13.22 -3.22
N CYS A 200 10.08 12.40 -3.49
CA CYS A 200 10.47 12.08 -4.86
C CYS A 200 10.68 10.57 -5.03
N GLY A 201 10.78 10.15 -6.31
CA GLY A 201 10.99 8.75 -6.64
C GLY A 201 9.96 8.30 -7.67
N ILE A 202 9.80 6.98 -7.82
CA ILE A 202 8.77 6.47 -8.73
C ILE A 202 7.44 6.43 -7.99
N THR A 203 6.74 7.56 -8.02
CA THR A 203 5.59 7.82 -7.15
C THR A 203 4.42 6.91 -7.47
N ARG A 204 4.19 6.61 -8.74
CA ARG A 204 3.03 5.84 -9.18
C ARG A 204 3.48 4.70 -10.08
N PRO A 205 2.60 3.73 -10.36
CA PRO A 205 3.04 2.49 -11.02
C PRO A 205 3.70 2.72 -12.36
N VAL A 206 4.63 1.82 -12.70
CA VAL A 206 5.21 1.69 -14.03
C VAL A 206 4.62 0.42 -14.63
N LYS A 207 4.06 0.52 -15.85
CA LYS A 207 3.42 -0.62 -16.47
C LYS A 207 3.83 -0.73 -17.93
N LEU A 208 3.88 -1.96 -18.42
CA LEU A 208 3.98 -2.25 -19.83
C LEU A 208 2.59 -2.61 -20.32
N TYR A 209 2.18 -2.04 -21.46
CA TYR A 209 0.91 -2.43 -22.07
C TYR A 209 1.12 -2.56 -23.57
N THR A 210 0.16 -3.22 -24.22
CA THR A 210 0.23 -3.39 -25.67
C THR A 210 -1.07 -2.92 -26.31
N THR A 211 -0.98 -2.56 -27.59
CA THR A 211 -2.14 -2.34 -28.44
C THR A 211 -1.85 -3.03 -29.76
N PRO A 212 -2.85 -3.21 -30.61
CA PRO A 212 -2.57 -3.59 -32.00
C PRO A 212 -1.60 -2.61 -32.64
N LYS A 213 -0.78 -3.14 -33.55
CA LYS A 213 0.25 -2.32 -34.18
C LYS A 213 -0.32 -1.38 -35.22
N ASP A 214 -1.25 -1.87 -36.05
CA ASP A 214 -1.59 -1.20 -37.29
C ASP A 214 -2.78 -0.25 -37.16
N ALA A 215 -3.62 -0.43 -36.14
CA ALA A 215 -4.78 0.44 -35.96
C ALA A 215 -5.15 0.40 -34.49
N TYR A 216 -5.16 1.56 -33.84
CA TYR A 216 -5.49 1.56 -32.42
C TYR A 216 -6.09 2.91 -32.02
N ILE A 217 -6.77 2.89 -30.87
CA ILE A 217 -7.38 4.09 -30.30
C ILE A 217 -6.34 4.87 -29.52
N SER A 218 -6.16 6.15 -29.85
CA SER A 218 -5.22 6.98 -29.09
C SER A 218 -5.89 7.87 -28.07
N ASP A 219 -7.13 8.31 -28.31
CA ASP A 219 -7.81 9.14 -27.31
C ASP A 219 -9.31 9.01 -27.49
N ILE A 220 -10.03 9.29 -26.40
CA ILE A 220 -11.49 9.31 -26.41
C ILE A 220 -11.92 10.57 -25.67
N THR A 221 -12.83 11.34 -26.26
CA THR A 221 -13.38 12.53 -25.63
C THR A 221 -14.90 12.42 -25.59
N LEU A 222 -15.47 12.59 -24.42
CA LEU A 222 -16.92 12.51 -24.21
C LEU A 222 -17.42 13.77 -23.54
N THR A 223 -18.52 14.31 -24.04
CA THR A 223 -19.25 15.38 -23.38
C THR A 223 -20.72 15.03 -23.32
N SER A 224 -21.47 15.74 -22.47
CA SER A 224 -22.87 15.47 -22.23
C SER A 224 -23.72 16.66 -22.64
N SER A 225 -24.86 16.38 -23.28
CA SER A 225 -25.85 17.40 -23.61
C SER A 225 -27.18 17.03 -22.95
N LEU A 226 -27.75 17.97 -22.18
CA LEU A 226 -28.95 17.69 -21.40
C LEU A 226 -30.15 18.56 -21.78
N GLU A 227 -30.10 19.27 -22.91
CA GLU A 227 -31.16 20.20 -23.27
C GLU A 227 -32.40 19.44 -23.78
N ASN A 228 -33.55 20.10 -23.69
CA ASN A 228 -34.81 19.58 -24.23
C ASN A 228 -35.19 18.23 -23.62
N ASN A 229 -34.84 18.02 -22.34
CA ASN A 229 -35.20 16.79 -21.62
C ASN A 229 -34.68 15.53 -22.31
N THR A 230 -33.57 15.64 -23.03
N THR A 230 -33.54 15.66 -23.00
CA THR A 230 -32.96 14.47 -23.65
CA THR A 230 -32.90 14.57 -23.72
C THR A 230 -31.47 14.48 -23.33
C THR A 230 -31.44 14.53 -23.29
N ALA A 231 -31.01 13.39 -22.73
CA ALA A 231 -29.59 13.23 -22.40
C ALA A 231 -28.88 12.56 -23.56
N ARG A 232 -27.79 13.16 -24.00
CA ARG A 232 -26.98 12.61 -25.08
C ARG A 232 -25.50 12.65 -24.70
N ILE A 233 -24.77 11.64 -25.19
CA ILE A 233 -23.32 11.62 -25.10
C ILE A 233 -22.75 11.97 -26.48
N ASN A 234 -21.92 13.00 -26.51
CA ASN A 234 -21.16 13.37 -27.71
C ASN A 234 -19.79 12.73 -27.61
N TYR A 235 -19.34 12.09 -28.70
CA TYR A 235 -18.05 11.42 -28.66
C TYR A 235 -17.14 11.93 -29.77
N LYS A 236 -15.84 11.88 -29.48
CA LYS A 236 -14.80 12.11 -30.46
C LYS A 236 -13.72 11.06 -30.20
N ILE A 237 -13.50 10.19 -31.17
CA ILE A 237 -12.55 9.08 -31.04
C ILE A 237 -11.34 9.37 -31.92
N ASP A 238 -10.18 9.50 -31.30
CA ASP A 238 -8.93 9.73 -32.02
C ASP A 238 -8.20 8.41 -32.20
N THR A 239 -7.71 8.17 -33.43
CA THR A 239 -7.18 6.88 -33.79
C THR A 239 -5.87 7.06 -34.55
N LYS A 240 -5.13 5.96 -34.65
CA LYS A 240 -3.99 5.83 -35.54
C LYS A 240 -4.24 4.62 -36.44
N GLY A 241 -3.98 4.79 -37.73
CA GLY A 241 -4.25 3.73 -38.69
C GLY A 241 -5.62 3.86 -39.31
N SER A 242 -5.99 2.85 -40.10
CA SER A 242 -7.22 2.87 -40.86
C SER A 242 -8.06 1.65 -40.51
N ALA A 243 -9.28 1.88 -40.03
CA ALA A 243 -10.18 0.80 -39.62
C ALA A 243 -11.56 1.39 -39.39
N HIS A 244 -12.49 0.53 -39.00
CA HIS A 244 -13.86 0.94 -38.69
C HIS A 244 -14.03 1.14 -37.19
N THR A 245 -14.89 2.10 -36.85
CA THR A 245 -15.14 2.51 -35.47
C THR A 245 -16.54 2.09 -35.04
N ALA A 246 -16.68 1.63 -33.79
CA ALA A 246 -17.99 1.36 -33.22
C ALA A 246 -17.98 1.82 -31.76
N ILE A 247 -19.18 2.17 -31.26
CA ILE A 247 -19.32 2.66 -29.90
C ILE A 247 -20.64 2.17 -29.33
N GLY A 248 -20.61 1.73 -28.08
CA GLY A 248 -21.82 1.35 -27.38
C GLY A 248 -21.76 1.83 -25.93
N VAL A 249 -22.94 2.17 -25.41
CA VAL A 249 -23.09 2.67 -24.04
C VAL A 249 -23.91 1.65 -23.26
N TYR A 250 -23.43 1.29 -22.07
CA TYR A 250 -24.00 0.17 -21.32
C TYR A 250 -24.27 0.59 -19.88
N THR A 251 -25.38 0.11 -19.33
CA THR A 251 -25.65 0.38 -17.92
C THR A 251 -24.73 -0.45 -17.04
N LYS A 252 -24.82 -0.20 -15.72
CA LYS A 252 -24.04 -0.96 -14.75
C LYS A 252 -24.26 -2.46 -14.93
N GLN A 253 -25.51 -2.85 -15.09
CA GLN A 253 -25.90 -4.25 -15.21
C GLN A 253 -25.61 -4.83 -16.60
N GLY A 254 -25.08 -4.03 -17.52
CA GLY A 254 -24.66 -4.53 -18.82
C GLY A 254 -25.69 -4.42 -19.92
N VAL A 255 -26.76 -3.67 -19.71
CA VAL A 255 -27.76 -3.47 -20.75
C VAL A 255 -27.29 -2.39 -21.71
N CYS A 256 -27.29 -2.69 -23.00
CA CYS A 256 -26.94 -1.69 -24.00
C CYS A 256 -28.07 -0.68 -24.11
N VAL A 257 -27.76 0.60 -23.90
CA VAL A 257 -28.76 1.65 -24.06
C VAL A 257 -28.51 2.51 -25.29
N ALA A 258 -27.38 2.36 -25.97
CA ALA A 258 -27.15 3.06 -27.22
C ALA A 258 -25.95 2.42 -27.91
N GLN A 259 -26.00 2.34 -29.24
CA GLN A 259 -24.88 1.73 -29.94
C GLN A 259 -24.92 2.14 -31.40
N THR A 260 -23.75 2.25 -32.02
CA THR A 260 -23.70 2.37 -33.47
C THR A 260 -22.39 1.78 -33.96
N GLU A 261 -22.40 1.23 -35.17
CA GLU A 261 -21.24 0.58 -35.75
C GLU A 261 -20.87 1.24 -37.06
N ASN A 262 -19.60 1.08 -37.45
CA ASN A 262 -19.04 1.71 -38.64
C ASN A 262 -19.41 3.19 -38.66
N THR A 263 -19.09 3.85 -37.56
CA THR A 263 -19.50 5.23 -37.39
CA THR A 263 -19.46 5.23 -37.26
C THR A 263 -18.35 6.20 -37.66
N GLY A 264 -18.63 7.48 -37.49
CA GLY A 264 -17.62 8.49 -37.72
C GLY A 264 -16.74 8.64 -36.49
N THR A 265 -15.69 9.45 -36.64
CA THR A 265 -14.86 9.78 -35.50
C THR A 265 -15.61 10.61 -34.46
N GLU A 266 -16.61 11.39 -34.90
CA GLU A 266 -17.45 12.18 -34.02
C GLU A 266 -18.92 11.89 -34.29
N GLY A 267 -19.71 11.90 -33.23
CA GLY A 267 -21.14 11.73 -33.35
C GLY A 267 -21.79 11.88 -31.99
N SER A 268 -23.06 11.51 -31.91
CA SER A 268 -23.77 11.61 -30.64
C SER A 268 -24.73 10.45 -30.49
N LEU A 269 -24.97 10.07 -29.24
CA LEU A 269 -25.86 8.97 -28.88
C LEU A 269 -26.85 9.44 -27.83
N THR A 270 -28.13 9.21 -28.08
CA THR A 270 -29.16 9.52 -27.10
C THR A 270 -29.25 8.41 -26.06
N ILE A 271 -29.29 8.80 -24.79
CA ILE A 271 -29.38 7.87 -23.68
C ILE A 271 -30.79 7.98 -23.11
N GLU A 272 -31.67 7.06 -23.50
CA GLU A 272 -33.01 7.08 -22.93
C GLU A 272 -32.93 6.59 -21.48
N ASN A 273 -33.82 7.13 -20.65
CA ASN A 273 -33.85 6.76 -19.23
C ASN A 273 -32.55 7.11 -18.53
N ALA A 274 -31.87 8.16 -18.98
CA ALA A 274 -30.54 8.44 -18.48
C ALA A 274 -30.58 8.74 -16.98
N VAL A 275 -29.65 8.12 -16.26
CA VAL A 275 -29.42 8.43 -14.84
C VAL A 275 -28.19 9.33 -14.77
N LEU A 276 -28.35 10.49 -14.13
CA LEU A 276 -27.27 11.47 -14.04
C LEU A 276 -26.34 11.13 -12.89
N TRP A 277 -25.06 11.39 -13.11
CA TRP A 277 -24.07 11.36 -12.02
C TRP A 277 -24.31 12.56 -11.11
N GLU A 278 -24.47 12.30 -9.80
CA GLU A 278 -24.71 13.32 -8.79
C GLU A 278 -23.67 13.19 -7.69
N PRO A 279 -23.31 14.30 -7.04
CA PRO A 279 -22.49 14.21 -5.84
C PRO A 279 -23.14 13.26 -4.84
N LEU A 280 -22.33 12.32 -4.34
CA LEU A 280 -22.69 11.31 -3.36
C LEU A 280 -23.77 10.34 -3.88
N LYS A 281 -24.16 10.46 -5.15
CA LYS A 281 -25.06 9.52 -5.82
C LYS A 281 -24.51 9.28 -7.22
N PRO A 282 -23.37 8.62 -7.32
CA PRO A 282 -22.72 8.44 -8.62
C PRO A 282 -23.50 7.49 -9.51
N TYR A 283 -23.44 7.74 -10.81
CA TYR A 283 -23.84 6.73 -11.79
C TYR A 283 -22.84 6.77 -12.94
N LEU A 284 -22.22 5.62 -13.23
CA LEU A 284 -21.27 5.51 -14.33
C LEU A 284 -21.82 4.54 -15.36
N TYR A 285 -22.00 5.02 -16.58
CA TYR A 285 -22.17 4.13 -17.73
C TYR A 285 -20.81 3.59 -18.16
N GLU A 286 -20.84 2.48 -18.90
CA GLU A 286 -19.64 1.96 -19.55
C GLU A 286 -19.73 2.28 -21.03
N VAL A 287 -18.75 3.03 -21.53
CA VAL A 287 -18.70 3.40 -22.94
C VAL A 287 -17.65 2.53 -23.59
N LYS A 288 -18.08 1.62 -24.48
CA LYS A 288 -17.21 0.63 -25.08
C LYS A 288 -16.93 1.05 -26.51
N ILE A 289 -15.66 1.08 -26.87
CA ILE A 289 -15.26 1.53 -28.20
C ILE A 289 -14.44 0.44 -28.89
N SER A 290 -14.67 0.26 -30.18
CA SER A 290 -13.82 -0.61 -30.97
C SER A 290 -13.30 0.14 -32.19
N PHE A 291 -12.09 -0.20 -32.59
CA PHE A 291 -11.46 0.37 -33.78
C PHE A 291 -10.56 -0.72 -34.35
N GLY A 292 -10.93 -1.28 -35.49
CA GLY A 292 -10.18 -2.42 -35.98
C GLY A 292 -10.27 -3.56 -35.00
N GLU A 293 -9.12 -4.07 -34.57
CA GLU A 293 -9.07 -5.09 -33.55
C GLU A 293 -8.97 -4.52 -32.14
N ASP A 294 -8.79 -3.20 -32.00
CA ASP A 294 -8.59 -2.57 -30.70
C ASP A 294 -9.92 -2.37 -29.96
N ARG A 295 -9.87 -2.51 -28.64
CA ARG A 295 -11.02 -2.47 -27.74
C ARG A 295 -10.66 -1.65 -26.52
N TYR A 296 -11.52 -0.71 -26.14
CA TYR A 296 -11.26 0.10 -24.95
C TYR A 296 -12.58 0.46 -24.31
N THR A 297 -12.65 0.40 -22.98
CA THR A 297 -13.87 0.73 -22.24
C THR A 297 -13.58 1.87 -21.29
N LEU A 298 -14.41 2.90 -21.34
CA LEU A 298 -14.26 4.10 -20.51
C LEU A 298 -15.47 4.25 -19.60
N PRO A 299 -15.33 4.29 -18.28
CA PRO A 299 -16.48 4.66 -17.44
C PRO A 299 -16.81 6.14 -17.63
N TYR A 300 -18.10 6.47 -17.56
CA TYR A 300 -18.51 7.84 -17.83
C TYR A 300 -19.79 8.20 -17.07
N GLY A 301 -19.73 9.31 -16.32
CA GLY A 301 -20.89 9.86 -15.66
C GLY A 301 -21.43 11.05 -16.42
N ILE A 302 -22.76 11.07 -16.59
CA ILE A 302 -23.45 12.13 -17.31
C ILE A 302 -23.89 13.21 -16.33
N ARG A 303 -23.42 14.44 -16.52
CA ARG A 303 -23.80 15.54 -15.64
C ARG A 303 -23.36 16.85 -16.30
N SER A 304 -24.01 17.94 -15.89
CA SER A 304 -23.67 19.29 -16.32
C SER A 304 -23.05 20.09 -15.18
N VAL A 305 -22.15 21.01 -15.54
CA VAL A 305 -21.57 21.97 -14.62
C VAL A 305 -21.67 23.35 -15.26
N ALA A 306 -22.14 24.33 -14.49
CA ALA A 306 -22.16 25.71 -14.96
C ALA A 306 -22.14 26.67 -13.79
N VAL A 307 -21.55 27.83 -14.00
CA VAL A 307 -21.65 28.94 -13.06
C VAL A 307 -22.63 29.94 -13.64
N LYS A 308 -23.60 30.36 -12.83
CA LYS A 308 -24.59 31.36 -13.24
C LYS A 308 -24.81 32.30 -12.06
N GLY A 309 -24.54 33.58 -12.26
CA GLY A 309 -24.68 34.52 -11.15
C GLY A 309 -23.77 34.13 -10.01
N ASN A 310 -24.34 33.99 -8.80
CA ASN A 310 -23.57 33.56 -7.64
C ASN A 310 -23.76 32.08 -7.32
N LYS A 311 -24.17 31.27 -8.30
CA LYS A 311 -24.45 29.87 -8.09
C LYS A 311 -23.46 28.99 -8.82
N PHE A 312 -23.08 27.88 -8.17
CA PHE A 312 -22.31 26.81 -8.79
C PHE A 312 -23.28 25.66 -9.07
N LEU A 313 -23.66 25.47 -10.34
CA LEU A 313 -24.73 24.55 -10.69
C LEU A 313 -24.17 23.21 -11.17
N ILE A 314 -24.53 22.14 -10.48
CA ILE A 314 -24.30 20.77 -10.95
C ILE A 314 -25.68 20.20 -11.25
N ASN A 315 -25.88 19.78 -12.51
CA ASN A 315 -27.17 19.31 -12.98
C ASN A 315 -28.25 20.35 -12.70
N ASN A 316 -27.88 21.62 -12.89
CA ASN A 316 -28.77 22.78 -12.77
C ASN A 316 -29.23 23.04 -11.35
N LYS A 317 -28.52 22.53 -10.34
CA LYS A 317 -28.92 22.70 -8.95
C LYS A 317 -27.80 23.38 -8.19
N PRO A 318 -28.13 24.27 -7.23
CA PRO A 318 -27.10 25.10 -6.57
C PRO A 318 -26.32 24.33 -5.51
N PHE A 319 -25.09 23.98 -5.85
CA PHE A 319 -24.21 23.13 -5.04
C PHE A 319 -23.55 23.93 -3.92
N TYR A 320 -23.27 23.25 -2.81
CA TYR A 320 -22.45 23.80 -1.72
C TYR A 320 -21.31 22.83 -1.46
N PHE A 321 -20.07 23.26 -1.72
CA PHE A 321 -18.91 22.41 -1.46
C PHE A 321 -18.72 22.18 0.04
N LYS A 322 -18.55 20.92 0.44
CA LYS A 322 -18.17 20.56 1.80
C LYS A 322 -16.98 19.63 1.70
N GLY A 323 -15.84 20.03 2.24
CA GLY A 323 -14.73 19.12 2.16
C GLY A 323 -13.41 19.71 2.57
N TYR A 324 -12.38 19.48 1.75
CA TYR A 324 -10.99 19.64 2.19
C TYR A 324 -10.08 19.94 1.03
N GLY A 325 -8.97 20.61 1.34
CA GLY A 325 -7.75 20.42 0.58
C GLY A 325 -7.07 19.18 1.15
N LYS A 326 -6.62 18.30 0.26
CA LYS A 326 -5.96 17.05 0.65
C LYS A 326 -4.47 17.15 0.34
N HIS A 327 -3.75 16.07 0.66
CA HIS A 327 -2.44 15.76 0.07
C HIS A 327 -2.45 14.28 -0.24
N GLU A 328 -1.61 13.87 -1.20
CA GLU A 328 -1.23 12.47 -1.30
C GLU A 328 -0.07 12.25 -0.34
N ASP A 329 -0.38 11.74 0.84
CA ASP A 329 0.60 11.66 1.91
C ASP A 329 0.17 10.55 2.86
N THR A 330 1.00 9.51 2.97
CA THR A 330 0.81 8.43 3.93
C THR A 330 2.19 7.94 4.35
N PHE A 331 2.23 7.23 5.47
CA PHE A 331 3.49 6.65 5.92
C PHE A 331 3.52 5.15 5.63
N PRO A 332 4.62 4.59 5.10
CA PRO A 332 5.91 5.23 4.82
C PRO A 332 6.14 5.60 3.35
N ALA A 333 5.13 5.44 2.48
CA ALA A 333 5.36 5.64 1.05
C ALA A 333 5.40 7.10 0.64
N GLY A 334 5.11 8.03 1.54
CA GLY A 334 5.18 9.44 1.21
C GLY A 334 4.08 9.84 0.25
N ARG A 335 4.46 10.23 -0.97
CA ARG A 335 3.52 10.58 -2.03
C ARG A 335 3.03 9.35 -2.80
N GLY A 336 3.57 8.17 -2.51
CA GLY A 336 3.30 7.02 -3.34
C GLY A 336 1.86 6.54 -3.30
N LEU A 337 1.43 5.99 -4.42
CA LEU A 337 0.07 5.47 -4.54
C LEU A 337 -0.21 4.47 -3.42
N ASN A 338 -1.29 4.70 -2.67
CA ASN A 338 -1.70 3.86 -1.55
C ASN A 338 -3.18 3.57 -1.75
N MET A 339 -3.50 2.44 -2.38
CA MET A 339 -4.88 2.22 -2.75
C MET A 339 -5.75 1.92 -1.52
N PRO A 340 -5.29 1.16 -0.51
CA PRO A 340 -6.15 1.01 0.68
C PRO A 340 -6.44 2.34 1.36
N MET A 341 -5.46 3.25 1.44
CA MET A 341 -5.76 4.49 2.14
C MET A 341 -6.64 5.43 1.29
N ASN A 342 -6.55 5.37 -0.05
CA ASN A 342 -7.49 6.11 -0.88
C ASN A 342 -8.93 5.73 -0.55
N ALA A 343 -9.19 4.41 -0.40
CA ALA A 343 -10.53 3.95 -0.07
C ALA A 343 -10.92 4.33 1.35
N LYS A 344 -10.00 4.19 2.31
CA LYS A 344 -10.24 4.68 3.65
C LYS A 344 -10.61 6.16 3.64
N ASP A 345 -9.86 6.96 2.90
CA ASP A 345 -10.09 8.41 2.91
C ASP A 345 -11.49 8.74 2.39
N ILE A 346 -11.92 8.10 1.29
CA ILE A 346 -13.26 8.36 0.76
C ILE A 346 -14.32 7.90 1.76
N SER A 347 -14.08 6.78 2.43
CA SER A 347 -15.02 6.31 3.43
C SER A 347 -15.13 7.32 4.59
N LEU A 348 -14.00 7.90 5.00
CA LEU A 348 -14.03 8.91 6.04
C LEU A 348 -14.75 10.17 5.58
N MET A 349 -14.57 10.57 4.31
CA MET A 349 -15.29 11.73 3.81
C MET A 349 -16.80 11.53 3.87
N LYS A 350 -17.25 10.34 3.48
CA LYS A 350 -18.69 10.09 3.49
C LYS A 350 -19.19 9.98 4.93
N TRP A 351 -18.41 9.37 5.81
CA TRP A 351 -18.75 9.34 7.23
C TRP A 351 -18.91 10.75 7.79
N GLN A 352 -18.08 11.67 7.31
CA GLN A 352 -18.07 13.02 7.85
C GLN A 352 -19.15 13.91 7.23
N GLY A 353 -19.77 13.49 6.14
CA GLY A 353 -20.71 14.33 5.45
C GLY A 353 -20.12 15.26 4.42
N ALA A 354 -18.87 15.05 4.02
CA ALA A 354 -18.24 15.83 2.97
C ALA A 354 -18.73 15.39 1.60
N ASN A 355 -18.57 16.27 0.61
CA ASN A 355 -18.92 15.92 -0.77
C ASN A 355 -17.80 16.21 -1.77
N SER A 356 -16.64 16.69 -1.33
CA SER A 356 -15.71 17.24 -2.31
C SER A 356 -14.31 17.38 -1.71
N PHE A 357 -13.32 17.52 -2.59
CA PHE A 357 -11.98 17.96 -2.15
C PHE A 357 -11.24 18.55 -3.34
N ARG A 358 -10.10 19.18 -3.04
CA ARG A 358 -9.22 19.75 -4.06
C ARG A 358 -7.92 18.96 -4.07
N THR A 359 -7.37 18.70 -5.26
CA THR A 359 -6.09 17.98 -5.40
C THR A 359 -4.92 18.93 -5.13
N SER A 360 -4.88 19.47 -3.91
CA SER A 360 -3.75 20.29 -3.51
C SER A 360 -2.49 19.42 -3.38
N HIS A 361 -1.35 19.83 -3.96
CA HIS A 361 -1.17 20.94 -4.91
C HIS A 361 -0.53 20.37 -6.18
N TYR A 362 -1.16 19.36 -6.76
CA TYR A 362 -0.64 18.61 -7.88
C TYR A 362 -1.72 17.62 -8.30
N PRO A 363 -1.74 17.20 -9.55
CA PRO A 363 -2.68 16.13 -9.93
C PRO A 363 -2.45 14.87 -9.11
N TYR A 364 -3.55 14.22 -8.73
CA TYR A 364 -3.50 12.98 -7.97
C TYR A 364 -3.50 11.80 -8.93
N SER A 365 -3.32 10.60 -8.35
CA SER A 365 -3.25 9.40 -9.19
C SER A 365 -4.57 9.18 -9.93
N GLU A 366 -4.48 8.54 -11.09
CA GLU A 366 -5.68 8.15 -11.81
C GLU A 366 -6.54 7.20 -11.01
N GLU A 367 -5.91 6.34 -10.21
CA GLU A 367 -6.68 5.42 -9.38
C GLU A 367 -7.58 6.18 -8.43
N MET A 368 -7.08 7.27 -7.84
CA MET A 368 -7.92 8.10 -6.99
C MET A 368 -9.04 8.75 -7.79
N MET A 369 -8.70 9.37 -8.93
CA MET A 369 -9.71 10.05 -9.74
C MET A 369 -10.80 9.09 -10.19
N ARG A 370 -10.41 7.89 -10.63
CA ARG A 370 -11.42 6.92 -11.07
C ARG A 370 -12.27 6.44 -9.90
N LEU A 371 -11.66 6.32 -8.71
CA LEU A 371 -12.45 5.96 -7.54
C LEU A 371 -13.43 7.07 -7.16
N CYS A 372 -13.02 8.33 -7.30
CA CYS A 372 -13.94 9.43 -7.01
C CYS A 372 -15.13 9.45 -7.98
N ASP A 373 -14.89 9.12 -9.25
CA ASP A 373 -16.00 8.94 -10.17
C ASP A 373 -16.95 7.85 -9.70
N GLU A 374 -16.39 6.73 -9.21
CA GLU A 374 -17.23 5.62 -8.77
C GLU A 374 -17.98 5.94 -7.49
N GLU A 375 -17.42 6.81 -6.63
CA GLU A 375 -17.97 7.04 -5.30
C GLU A 375 -18.79 8.33 -5.19
N GLY A 376 -18.74 9.21 -6.20
CA GLY A 376 -19.54 10.41 -6.17
C GLY A 376 -18.93 11.57 -5.43
N ILE A 377 -17.59 11.63 -5.36
CA ILE A 377 -16.86 12.70 -4.69
C ILE A 377 -16.47 13.75 -5.73
N VAL A 378 -16.88 14.99 -5.51
CA VAL A 378 -16.59 16.11 -6.41
C VAL A 378 -15.16 16.58 -6.21
N VAL A 379 -14.47 16.89 -7.32
CA VAL A 379 -13.04 17.22 -7.26
C VAL A 379 -12.79 18.56 -7.94
N ILE A 380 -12.04 19.43 -7.28
CA ILE A 380 -11.38 20.57 -7.89
C ILE A 380 -9.98 20.11 -8.28
N ASP A 381 -9.70 20.06 -9.58
CA ASP A 381 -8.49 19.44 -10.10
C ASP A 381 -7.43 20.52 -10.30
N GLU A 382 -6.32 20.44 -9.56
CA GLU A 382 -5.36 21.54 -9.51
C GLU A 382 -4.04 21.15 -10.18
N THR A 383 -3.41 22.12 -10.84
CA THR A 383 -2.08 21.91 -11.40
C THR A 383 -1.00 21.81 -10.30
N THR A 384 0.23 21.60 -10.74
CA THR A 384 1.43 21.60 -9.91
C THR A 384 1.95 23.00 -9.57
N ALA A 385 1.21 24.06 -9.95
CA ALA A 385 1.75 25.43 -9.89
C ALA A 385 1.57 26.04 -8.50
N VAL A 386 2.37 25.56 -7.56
CA VAL A 386 2.50 26.14 -6.24
C VAL A 386 3.92 26.67 -6.09
N GLY A 387 4.06 27.81 -5.42
CA GLY A 387 5.35 28.44 -5.25
C GLY A 387 5.68 29.49 -6.29
N VAL A 388 4.72 29.87 -7.12
CA VAL A 388 4.95 30.89 -8.15
C VAL A 388 4.84 32.24 -7.48
N HIS A 389 5.86 32.55 -6.66
CA HIS A 389 5.84 33.70 -5.75
C HIS A 389 7.25 33.96 -5.25
N LEU A 390 7.88 35.03 -5.71
CA LEU A 390 9.25 35.34 -5.33
C LEU A 390 9.34 36.44 -4.28
N ASN A 391 8.22 36.84 -3.68
CA ASN A 391 8.25 37.97 -2.76
C ASN A 391 7.39 37.71 -1.52
N PHE A 392 7.40 36.47 -1.03
CA PHE A 392 6.66 36.17 0.18
C PHE A 392 7.55 36.33 1.42
N ARG A 403 15.00 45.08 -6.34
CA ARG A 403 14.05 44.06 -5.89
C ARG A 403 13.30 43.44 -7.06
N VAL A 404 13.42 42.12 -7.20
CA VAL A 404 12.84 41.39 -8.34
C VAL A 404 11.39 41.05 -8.02
N ASN A 405 10.49 41.37 -8.96
CA ASN A 405 9.09 40.99 -8.83
C ASN A 405 8.86 39.62 -9.46
N THR A 406 7.95 38.85 -8.86
CA THR A 406 7.65 37.51 -9.35
C THR A 406 7.45 37.47 -10.87
N PHE A 407 6.69 38.41 -11.41
CA PHE A 407 6.34 38.34 -12.82
C PHE A 407 7.04 39.42 -13.65
N ASP A 408 8.21 39.87 -13.18
CA ASP A 408 9.14 40.62 -14.00
C ASP A 408 9.53 39.76 -15.20
N PRO A 409 10.07 40.37 -16.26
CA PRO A 409 10.61 39.58 -17.36
C PRO A 409 11.64 38.57 -16.87
N ILE A 410 11.63 37.38 -17.47
CA ILE A 410 12.62 36.35 -17.13
C ILE A 410 14.03 36.92 -17.16
N GLU A 411 14.32 37.77 -18.16
CA GLU A 411 15.66 38.31 -18.32
C GLU A 411 16.05 39.28 -17.22
N GLN A 412 15.13 39.68 -16.36
CA GLN A 412 15.44 40.50 -15.20
C GLN A 412 15.18 39.76 -13.89
N GLY A 413 15.03 38.44 -13.96
CA GLY A 413 14.93 37.61 -12.77
C GLY A 413 13.55 37.11 -12.44
N GLY A 414 12.55 37.38 -13.27
CA GLY A 414 11.20 36.89 -13.01
C GLY A 414 11.13 35.38 -13.07
N ILE A 415 10.01 34.85 -12.56
CA ILE A 415 9.83 33.41 -12.52
C ILE A 415 9.83 32.84 -13.95
N ARG A 416 10.36 31.63 -14.10
CA ARG A 416 10.59 31.02 -15.41
C ARG A 416 9.65 29.85 -15.68
N THR A 417 8.45 29.87 -15.12
CA THR A 417 7.58 28.70 -15.12
C THR A 417 6.48 28.72 -16.17
N GLN A 418 6.26 29.83 -16.90
CA GLN A 418 5.04 29.93 -17.69
C GLN A 418 4.97 28.86 -18.77
N SER A 419 6.10 28.56 -19.40
N SER A 419 6.10 28.56 -19.41
CA SER A 419 6.10 27.60 -20.51
CA SER A 419 6.09 27.59 -20.51
C SER A 419 5.71 26.20 -20.02
C SER A 419 5.71 26.20 -20.02
N HIS A 420 6.33 25.75 -18.92
CA HIS A 420 5.98 24.46 -18.35
C HIS A 420 4.57 24.48 -17.79
N HIS A 421 4.14 25.63 -17.25
CA HIS A 421 2.78 25.76 -16.73
C HIS A 421 1.75 25.48 -17.81
N LYS A 422 2.00 25.96 -19.04
CA LYS A 422 1.11 25.61 -20.15
C LYS A 422 1.11 24.11 -20.43
N GLU A 423 2.29 23.48 -20.41
CA GLU A 423 2.35 22.04 -20.66
C GLU A 423 1.57 21.27 -19.61
N VAL A 424 1.69 21.68 -18.33
CA VAL A 424 0.97 21.00 -17.26
C VAL A 424 -0.54 21.11 -17.46
N ILE A 425 -1.02 22.30 -17.83
CA ILE A 425 -2.46 22.47 -18.06
C ILE A 425 -2.93 21.56 -19.18
N LYS A 426 -2.20 21.54 -20.30
CA LYS A 426 -2.55 20.67 -21.42
C LYS A 426 -2.59 19.20 -20.98
N ASP A 427 -1.56 18.79 -20.26
CA ASP A 427 -1.45 17.38 -19.90
C ASP A 427 -2.51 16.98 -18.87
N LEU A 428 -2.80 17.88 -17.91
CA LEU A 428 -3.80 17.60 -16.89
C LEU A 428 -5.19 17.46 -17.51
N ILE A 429 -5.56 18.41 -18.37
CA ILE A 429 -6.87 18.34 -19.01
C ILE A 429 -6.95 17.14 -19.94
N ALA A 430 -5.87 16.83 -20.65
CA ALA A 430 -5.89 15.64 -21.53
C ALA A 430 -6.11 14.36 -20.71
N ARG A 431 -5.56 14.29 -19.50
CA ARG A 431 -5.71 13.10 -18.70
C ARG A 431 -7.09 13.00 -18.06
N ASP A 432 -7.65 14.13 -17.58
CA ASP A 432 -8.80 14.10 -16.69
C ASP A 432 -10.08 14.62 -17.32
N LYS A 433 -10.07 14.93 -18.62
CA LYS A 433 -11.24 15.59 -19.24
C LYS A 433 -12.52 14.78 -19.12
N ASN A 434 -12.45 13.47 -19.04
CA ASN A 434 -13.67 12.68 -19.09
C ASN A 434 -14.26 12.40 -17.71
N HIS A 435 -13.67 12.94 -16.64
CA HIS A 435 -14.15 12.63 -15.30
C HIS A 435 -15.35 13.51 -14.95
N ALA A 436 -16.47 12.85 -14.65
CA ALA A 436 -17.63 13.57 -14.11
C ALA A 436 -17.27 14.26 -12.79
N CYS A 437 -16.42 13.64 -11.99
CA CYS A 437 -16.14 14.20 -10.67
C CYS A 437 -15.41 15.55 -10.74
N VAL A 438 -14.66 15.80 -11.81
CA VAL A 438 -13.94 17.06 -11.94
C VAL A 438 -14.92 18.15 -12.36
N VAL A 439 -15.09 19.17 -11.52
CA VAL A 439 -16.06 20.23 -11.81
C VAL A 439 -15.41 21.58 -12.02
N MET A 440 -14.13 21.72 -11.72
CA MET A 440 -13.37 22.97 -11.76
C MET A 440 -11.89 22.70 -11.88
N TRP A 441 -11.20 23.54 -12.65
CA TRP A 441 -9.75 23.52 -12.75
C TRP A 441 -9.18 24.63 -11.89
N SER A 442 -8.20 24.29 -11.05
CA SER A 442 -7.45 25.28 -10.30
C SER A 442 -6.11 25.50 -10.98
N ILE A 443 -5.86 26.71 -11.47
CA ILE A 443 -4.70 26.95 -12.32
C ILE A 443 -3.41 27.06 -11.50
N ALA A 444 -3.50 27.50 -10.26
CA ALA A 444 -2.31 27.65 -9.42
C ALA A 444 -2.75 27.84 -7.97
N ASN A 445 -1.85 27.54 -7.05
CA ASN A 445 -2.10 27.73 -5.61
C ASN A 445 -1.16 28.78 -5.06
N GLU A 446 -1.73 29.85 -4.50
CA GLU A 446 -1.01 30.87 -3.73
C GLU A 446 0.13 31.49 -4.52
N ALA A 447 -0.13 31.78 -5.80
CA ALA A 447 0.79 32.57 -6.58
C ALA A 447 0.72 34.04 -6.14
N ASP A 448 1.70 34.83 -6.60
CA ASP A 448 1.80 36.26 -6.29
C ASP A 448 0.78 37.09 -7.09
N THR A 449 -0.51 36.79 -6.89
CA THR A 449 -1.52 37.33 -7.80
C THR A 449 -1.91 38.77 -7.51
N GLY A 450 -1.40 39.38 -6.45
CA GLY A 450 -1.61 40.78 -6.18
C GLY A 450 -0.52 41.69 -6.69
N SER A 451 0.48 41.17 -7.39
CA SER A 451 1.61 41.96 -7.85
C SER A 451 1.46 42.28 -9.33
N LYS A 452 2.28 43.23 -9.79
CA LYS A 452 2.19 43.65 -11.18
C LYS A 452 2.75 42.57 -12.10
N GLY A 453 2.05 42.35 -13.21
CA GLY A 453 2.40 41.30 -14.13
C GLY A 453 1.67 39.99 -13.92
N ALA A 454 0.95 39.83 -12.82
CA ALA A 454 0.27 38.57 -12.55
C ALA A 454 -0.81 38.30 -13.59
N TYR A 455 -1.65 39.30 -13.87
CA TYR A 455 -2.69 39.11 -14.87
C TYR A 455 -2.10 38.67 -16.20
N GLU A 456 -0.99 39.29 -16.60
CA GLU A 456 -0.34 38.96 -17.87
C GLU A 456 0.19 37.54 -17.88
N TYR A 457 0.73 37.08 -16.75
CA TYR A 457 1.19 35.69 -16.63
C TYR A 457 0.01 34.73 -16.73
N PHE A 458 -1.11 35.06 -16.10
CA PHE A 458 -2.18 34.09 -15.93
C PHE A 458 -3.22 34.11 -17.05
N LYS A 459 -3.46 35.25 -17.69
CA LYS A 459 -4.46 35.30 -18.77
C LYS A 459 -4.26 34.23 -19.83
N PRO A 460 -3.06 34.00 -20.39
CA PRO A 460 -2.91 32.91 -21.37
C PRO A 460 -3.19 31.52 -20.80
N LEU A 461 -3.02 31.32 -19.50
CA LEU A 461 -3.26 30.02 -18.90
C LEU A 461 -4.75 29.77 -18.70
N PHE A 462 -5.49 30.80 -18.29
CA PHE A 462 -6.94 30.66 -18.21
C PHE A 462 -7.55 30.46 -19.59
N ASP A 463 -7.06 31.22 -20.58
CA ASP A 463 -7.50 31.02 -21.95
C ASP A 463 -7.23 29.61 -22.44
N LEU A 464 -6.03 29.09 -22.15
CA LEU A 464 -5.67 27.74 -22.58
C LEU A 464 -6.57 26.68 -21.96
N ALA A 465 -6.81 26.77 -20.64
CA ALA A 465 -7.68 25.81 -19.97
C ALA A 465 -9.09 25.84 -20.55
N ARG A 466 -9.62 27.03 -20.84
CA ARG A 466 -10.96 27.13 -21.40
C ARG A 466 -11.00 26.57 -22.82
N GLU A 467 -9.94 26.81 -23.60
CA GLU A 467 -9.90 26.28 -24.95
C GLU A 467 -9.82 24.75 -24.95
N LEU A 468 -9.06 24.17 -24.03
CA LEU A 468 -8.74 22.75 -24.11
C LEU A 468 -9.74 21.85 -23.45
N ASP A 469 -10.51 22.35 -22.47
CA ASP A 469 -11.47 21.50 -21.79
C ASP A 469 -12.71 21.34 -22.67
N PRO A 470 -12.99 20.15 -23.17
CA PRO A 470 -14.17 19.99 -24.03
C PRO A 470 -15.48 20.33 -23.32
N GLN A 471 -15.52 20.25 -21.99
CA GLN A 471 -16.71 20.57 -21.22
C GLN A 471 -16.77 22.02 -20.75
N LYS A 472 -15.72 22.81 -21.01
CA LYS A 472 -15.69 24.23 -20.65
C LYS A 472 -16.06 24.46 -19.18
N ARG A 473 -15.43 23.70 -18.30
CA ARG A 473 -15.73 23.80 -16.88
C ARG A 473 -15.18 25.12 -16.30
N PRO A 474 -15.73 25.56 -15.17
CA PRO A 474 -15.19 26.74 -14.48
C PRO A 474 -13.70 26.63 -14.22
N CYS A 475 -13.03 27.78 -14.21
CA CYS A 475 -11.62 27.88 -13.85
C CYS A 475 -11.44 28.84 -12.69
N THR A 476 -10.45 28.55 -11.84
CA THR A 476 -10.13 29.41 -10.72
C THR A 476 -8.62 29.38 -10.51
N LEU A 477 -8.15 30.28 -9.68
CA LEU A 477 -6.86 30.12 -9.03
C LEU A 477 -7.11 30.27 -7.54
N VAL A 478 -6.27 29.63 -6.75
CA VAL A 478 -6.50 29.62 -5.32
C VAL A 478 -5.68 30.74 -4.70
N SER A 479 -6.36 31.65 -3.99
CA SER A 479 -5.86 32.98 -3.65
C SER A 479 -5.14 32.98 -2.32
N LEU A 480 -3.88 33.40 -2.34
CA LEU A 480 -3.12 33.66 -1.13
C LEU A 480 -3.74 34.79 -0.32
N GLN A 481 -3.70 34.66 1.01
CA GLN A 481 -4.11 35.76 1.87
C GLN A 481 -3.14 36.92 1.68
N MET A 482 -3.66 38.13 1.51
CA MET A 482 -2.82 39.28 1.19
C MET A 482 -3.49 40.54 1.69
N VAL A 483 -2.66 41.51 2.09
CA VAL A 483 -3.21 42.75 2.65
C VAL A 483 -4.02 43.49 1.60
N ASN A 484 -3.54 43.51 0.36
CA ASN A 484 -4.18 44.21 -0.76
C ASN A 484 -5.08 43.28 -1.58
N TYR A 485 -5.99 42.58 -0.89
CA TYR A 485 -6.78 41.52 -1.54
C TYR A 485 -7.64 42.04 -2.69
N LYS A 486 -7.99 43.34 -2.68
CA LYS A 486 -8.78 43.88 -3.77
C LYS A 486 -8.00 43.96 -5.07
N GLU A 487 -6.67 43.84 -5.02
CA GLU A 487 -5.84 43.83 -6.22
C GLU A 487 -5.53 42.43 -6.72
N ASP A 488 -6.13 41.39 -6.13
CA ASP A 488 -5.91 40.02 -6.58
C ASP A 488 -6.48 39.85 -7.99
N CYS A 489 -5.62 39.45 -8.94
CA CYS A 489 -6.05 39.32 -10.33
C CYS A 489 -7.05 38.19 -10.54
N THR A 490 -7.31 37.34 -9.53
CA THR A 490 -8.38 36.36 -9.65
C THR A 490 -9.69 37.03 -10.04
N ILE A 491 -9.89 38.27 -9.58
CA ILE A 491 -11.11 39.00 -9.84
C ILE A 491 -11.33 39.20 -11.33
N LYS A 492 -10.24 39.31 -12.10
CA LYS A 492 -10.35 39.51 -13.54
C LYS A 492 -10.37 38.22 -14.35
N LEU A 493 -10.16 37.06 -13.73
CA LEU A 493 -9.90 35.81 -14.46
C LEU A 493 -10.86 34.68 -14.11
N SER A 494 -11.20 34.51 -12.85
CA SER A 494 -11.80 33.27 -12.35
C SER A 494 -13.32 33.28 -12.41
N ASP A 495 -13.88 32.07 -12.57
CA ASP A 495 -15.33 31.90 -12.51
C ASP A 495 -15.83 31.78 -11.08
N VAL A 496 -14.98 31.31 -10.17
CA VAL A 496 -15.25 31.19 -8.74
C VAL A 496 -14.02 31.73 -8.03
N PHE A 497 -14.22 32.54 -7.00
CA PHE A 497 -13.07 33.02 -6.22
C PHE A 497 -12.83 32.03 -5.10
N CYS A 498 -11.60 31.48 -5.05
CA CYS A 498 -11.25 30.43 -4.11
C CYS A 498 -10.20 30.99 -3.17
N LEU A 499 -10.56 31.16 -1.90
CA LEU A 499 -9.73 31.90 -0.96
C LEU A 499 -9.11 30.98 0.07
N ASN A 500 -7.81 31.18 0.32
CA ASN A 500 -7.11 30.58 1.45
C ASN A 500 -6.99 31.64 2.52
N ARG A 501 -7.67 31.44 3.66
CA ARG A 501 -7.68 32.46 4.70
C ARG A 501 -7.52 31.82 6.07
N TYR A 502 -6.77 32.49 6.93
CA TYR A 502 -6.39 31.96 8.24
C TYR A 502 -6.65 32.98 9.34
N TYR A 503 -7.87 33.53 9.34
CA TYR A 503 -8.32 34.44 10.40
C TYR A 503 -8.46 33.65 11.70
N GLY A 504 -7.56 33.89 12.64
CA GLY A 504 -7.51 33.11 13.87
C GLY A 504 -6.31 32.19 13.96
N TRP A 505 -5.49 32.09 12.91
CA TRP A 505 -4.26 31.31 13.00
C TRP A 505 -3.04 32.16 12.64
N TYR A 506 -2.85 32.47 11.35
CA TYR A 506 -1.68 33.28 10.98
C TYR A 506 -1.88 34.76 11.24
N THR A 507 -3.09 35.15 11.61
CA THR A 507 -3.40 36.46 12.12
C THR A 507 -4.49 36.28 13.16
N CYS A 508 -4.55 37.19 14.13
CA CYS A 508 -5.55 37.10 15.20
C CYS A 508 -5.43 35.81 15.99
N GLY A 509 -4.22 35.25 16.08
CA GLY A 509 -4.02 34.02 16.84
C GLY A 509 -4.38 34.21 18.30
N ALA A 510 -5.24 33.34 18.82
CA ALA A 510 -5.77 33.43 20.18
C ALA A 510 -6.58 34.71 20.42
N ASP A 511 -7.11 35.34 19.35
CA ASP A 511 -8.02 36.46 19.48
C ASP A 511 -9.16 36.25 18.46
N LEU A 512 -10.05 35.30 18.77
CA LEU A 512 -11.06 34.94 17.79
C LEU A 512 -12.11 36.04 17.61
N GLN A 513 -12.31 36.90 18.62
CA GLN A 513 -13.16 38.06 18.39
C GLN A 513 -12.60 38.96 17.31
N ALA A 514 -11.29 39.23 17.36
CA ALA A 514 -10.67 40.03 16.29
C ALA A 514 -10.69 39.28 14.97
N ALA A 515 -10.49 37.95 15.01
CA ALA A 515 -10.58 37.16 13.79
C ALA A 515 -11.95 37.30 13.12
N GLU A 516 -13.02 37.25 13.91
CA GLU A 516 -14.35 37.33 13.32
C GLU A 516 -14.55 38.67 12.62
N LYS A 517 -14.12 39.75 13.28
CA LYS A 517 -14.28 41.09 12.72
C LYS A 517 -13.46 41.25 11.45
N MET A 518 -12.22 40.74 11.46
N MET A 518 -12.22 40.77 11.47
CA MET A 518 -11.37 40.84 10.29
CA MET A 518 -11.37 40.85 10.27
C MET A 518 -11.87 39.97 9.14
C MET A 518 -11.93 39.99 9.14
N CYS A 519 -12.37 38.78 9.47
CA CYS A 519 -12.99 37.91 8.48
C CYS A 519 -14.21 38.58 7.84
N ARG A 520 -15.11 39.11 8.67
CA ARG A 520 -16.31 39.73 8.12
C ARG A 520 -15.97 40.91 7.21
N GLU A 521 -15.00 41.74 7.61
CA GLU A 521 -14.70 42.92 6.81
C GLU A 521 -14.21 42.54 5.42
N GLU A 522 -13.32 41.54 5.32
CA GLU A 522 -12.86 41.17 3.99
C GLU A 522 -13.89 40.34 3.22
N LEU A 523 -14.52 39.37 3.88
CA LEU A 523 -15.45 38.53 3.10
C LEU A 523 -16.68 39.30 2.65
N GLU A 524 -17.04 40.40 3.32
CA GLU A 524 -18.12 41.22 2.79
C GLU A 524 -17.72 41.89 1.47
N PHE A 525 -16.43 42.20 1.27
CA PHE A 525 -16.01 42.68 -0.05
C PHE A 525 -16.22 41.60 -1.12
N TRP A 526 -15.76 40.38 -0.85
CA TRP A 526 -15.94 39.31 -1.83
C TRP A 526 -17.41 39.06 -2.11
N ASN A 527 -18.24 39.08 -1.06
CA ASN A 527 -19.66 38.87 -1.26
C ASN A 527 -20.28 39.97 -2.12
N SER A 528 -19.74 41.20 -2.05
CA SER A 528 -20.32 42.30 -2.81
C SER A 528 -20.10 42.17 -4.30
N LEU A 529 -19.17 41.31 -4.73
CA LEU A 529 -18.92 41.13 -6.15
C LEU A 529 -19.98 40.28 -6.84
N GLY A 530 -20.79 39.56 -6.08
CA GLY A 530 -21.93 38.84 -6.63
C GLY A 530 -21.62 37.57 -7.38
N LYS A 531 -20.38 37.09 -7.32
CA LYS A 531 -19.95 35.85 -7.95
C LYS A 531 -19.76 34.78 -6.89
N PRO A 532 -19.74 33.51 -7.29
CA PRO A 532 -19.48 32.46 -6.28
C PRO A 532 -18.08 32.59 -5.72
N PHE A 533 -17.96 32.42 -4.40
CA PHE A 533 -16.65 32.36 -3.78
C PHE A 533 -16.70 31.35 -2.65
N MET A 534 -15.52 30.89 -2.22
CA MET A 534 -15.52 29.81 -1.25
C MET A 534 -14.18 29.84 -0.53
N TYR A 535 -14.12 29.12 0.60
CA TYR A 535 -12.84 28.79 1.21
C TYR A 535 -12.29 27.52 0.57
N THR A 536 -11.05 27.59 0.08
CA THR A 536 -10.29 26.38 -0.26
C THR A 536 -9.27 26.00 0.81
N GLU A 537 -8.97 26.91 1.74
CA GLU A 537 -8.15 26.59 2.91
C GLU A 537 -8.59 27.47 4.05
N TYR A 538 -8.68 26.88 5.25
CA TYR A 538 -8.80 27.58 6.52
C TYR A 538 -8.61 26.54 7.61
N GLY A 539 -7.85 26.88 8.64
CA GLY A 539 -7.55 25.88 9.66
C GLY A 539 -6.55 26.38 10.67
N ALA A 540 -6.20 25.48 11.59
CA ALA A 540 -5.38 25.84 12.73
C ALA A 540 -4.58 24.60 13.13
N ASP A 541 -3.27 24.74 13.31
CA ASP A 541 -2.48 23.56 13.66
C ASP A 541 -2.95 23.02 14.99
N THR A 542 -3.07 21.69 15.05
CA THR A 542 -3.69 21.04 16.19
C THR A 542 -2.96 19.73 16.45
N VAL A 543 -2.31 19.61 17.61
CA VAL A 543 -1.67 18.36 17.97
C VAL A 543 -2.67 17.50 18.72
N MET A 544 -3.02 16.34 18.15
N MET A 544 -2.99 16.33 18.15
CA MET A 544 -3.95 15.45 18.83
CA MET A 544 -3.85 15.36 18.83
C MET A 544 -3.43 15.14 20.22
C MET A 544 -3.40 15.15 20.26
N GLY A 545 -4.31 15.31 21.21
CA GLY A 545 -4.01 15.09 22.61
C GLY A 545 -3.69 16.34 23.41
N LEU A 546 -3.57 17.50 22.76
CA LEU A 546 -3.40 18.76 23.47
C LEU A 546 -4.76 19.42 23.64
N HIS A 547 -5.06 19.86 24.87
CA HIS A 547 -6.39 20.34 25.23
C HIS A 547 -6.31 21.53 26.16
N ASP A 548 -7.33 22.38 26.07
CA ASP A 548 -7.56 23.44 27.05
C ASP A 548 -9.00 23.88 26.89
N THR A 549 -9.70 24.10 28.03
CA THR A 549 -11.03 24.69 27.96
C THR A 549 -10.98 26.14 27.51
N THR A 550 -9.84 26.79 27.65
CA THR A 550 -9.67 28.21 27.43
C THR A 550 -8.80 28.42 26.20
N ASP A 551 -9.28 29.21 25.23
CA ASP A 551 -8.68 29.35 23.91
C ASP A 551 -7.14 29.34 23.92
N SER A 552 -6.56 28.27 23.37
N SER A 552 -6.56 28.28 23.35
CA SER A 552 -5.10 28.11 23.36
CA SER A 552 -5.12 28.08 23.34
C SER A 552 -4.71 27.46 22.04
C SER A 552 -4.73 27.46 22.02
N MET A 553 -3.84 28.14 21.28
CA MET A 553 -3.37 27.59 20.01
C MET A 553 -2.72 26.22 20.17
N PHE A 554 -2.95 25.37 19.18
CA PHE A 554 -2.46 24.00 19.02
C PHE A 554 -3.33 22.97 19.75
N THR A 555 -4.33 23.38 20.52
CA THR A 555 -5.22 22.43 21.20
C THR A 555 -6.38 22.07 20.30
N GLU A 556 -6.97 20.91 20.60
CA GLU A 556 -8.12 20.41 19.83
C GLU A 556 -9.32 21.33 19.98
N GLU A 557 -9.51 21.94 21.16
CA GLU A 557 -10.65 22.82 21.37
C GLU A 557 -10.50 24.10 20.56
N TYR A 558 -9.28 24.63 20.46
CA TYR A 558 -9.10 25.86 19.69
C TYR A 558 -9.42 25.62 18.21
N GLN A 559 -9.06 24.44 17.69
CA GLN A 559 -9.39 24.14 16.30
C GLN A 559 -10.89 24.24 16.08
N VAL A 560 -11.69 23.72 17.02
CA VAL A 560 -13.15 23.82 16.88
C VAL A 560 -13.60 25.27 16.97
N GLU A 561 -13.08 26.03 17.94
CA GLU A 561 -13.50 27.42 18.09
C GLU A 561 -13.11 28.24 16.87
N TYR A 562 -11.92 27.97 16.30
CA TYR A 562 -11.48 28.62 15.08
C TYR A 562 -12.53 28.45 13.98
N TYR A 563 -13.00 27.22 13.80
CA TYR A 563 -13.95 26.96 12.73
C TYR A 563 -15.33 27.54 13.05
N LYS A 564 -15.76 27.44 14.31
CA LYS A 564 -17.03 28.07 14.69
C LYS A 564 -17.01 29.57 14.39
N THR A 565 -15.91 30.25 14.71
CA THR A 565 -15.80 31.68 14.48
C THR A 565 -15.92 32.01 13.00
N ASN A 566 -15.19 31.29 12.17
CA ASN A 566 -15.25 31.52 10.72
C ASN A 566 -16.65 31.29 10.17
N HIS A 567 -17.33 30.22 10.61
CA HIS A 567 -18.66 29.91 10.08
C HIS A 567 -19.71 30.91 10.52
N LYS A 568 -19.51 31.56 11.68
CA LYS A 568 -20.38 32.65 12.08
C LYS A 568 -20.47 33.69 10.99
N VAL A 569 -19.37 33.92 10.27
CA VAL A 569 -19.37 34.89 9.18
C VAL A 569 -19.87 34.26 7.89
N THR A 570 -19.27 33.13 7.47
CA THR A 570 -19.57 32.60 6.13
C THR A 570 -21.02 32.21 5.99
N ASP A 571 -21.66 31.74 7.07
CA ASP A 571 -23.06 31.33 6.98
C ASP A 571 -23.99 32.52 6.74
N THR A 572 -23.53 33.76 6.88
CA THR A 572 -24.37 34.92 6.58
C THR A 572 -24.14 35.51 5.19
N LEU A 573 -23.31 34.90 4.35
CA LEU A 573 -22.96 35.48 3.07
C LEU A 573 -23.53 34.64 1.94
N ASP A 574 -24.46 35.22 1.16
CA ASP A 574 -25.21 34.44 0.19
C ASP A 574 -24.36 33.96 -0.99
N CYS A 575 -23.25 34.63 -1.29
CA CYS A 575 -22.40 34.21 -2.41
C CYS A 575 -21.32 33.21 -1.99
N PHE A 576 -21.20 32.90 -0.71
CA PHE A 576 -20.20 31.94 -0.21
C PHE A 576 -20.79 30.54 -0.39
N ILE A 577 -20.25 29.79 -1.35
CA ILE A 577 -20.87 28.56 -1.82
C ILE A 577 -20.03 27.31 -1.50
N GLY A 578 -19.07 27.42 -0.61
CA GLY A 578 -18.30 26.21 -0.32
C GLY A 578 -17.27 26.41 0.78
N GLU A 579 -17.04 25.35 1.55
CA GLU A 579 -16.04 25.36 2.61
C GLU A 579 -15.17 24.10 2.45
N GLN A 580 -13.89 24.31 2.12
CA GLN A 580 -12.93 23.23 2.11
C GLN A 580 -11.83 23.57 3.10
N VAL A 581 -11.70 22.73 4.13
CA VAL A 581 -10.72 22.99 5.18
C VAL A 581 -9.30 22.73 4.69
N TRP A 582 -8.33 23.36 5.37
CA TRP A 582 -6.95 22.90 5.33
C TRP A 582 -6.72 22.26 6.69
N ASN A 583 -6.46 20.95 6.75
CA ASN A 583 -6.34 19.98 5.66
C ASN A 583 -7.19 18.76 6.07
N PHE A 584 -7.48 17.86 5.11
CA PHE A 584 -8.03 16.55 5.48
C PHE A 584 -7.21 15.89 6.59
N ALA A 585 -5.89 15.78 6.43
CA ALA A 585 -5.08 15.07 7.41
C ALA A 585 -3.71 15.69 7.56
N ASP A 586 -3.12 15.53 8.75
CA ASP A 586 -1.74 15.94 9.00
C ASP A 586 -0.83 15.34 7.93
N PHE A 587 0.18 16.11 7.50
CA PHE A 587 1.04 15.67 6.41
C PHE A 587 2.45 16.21 6.64
N ALA A 588 3.43 15.57 5.97
CA ALA A 588 4.84 15.92 6.18
C ALA A 588 5.23 17.18 5.42
N THR A 589 6.15 17.95 6.02
CA THR A 589 6.66 19.20 5.47
C THR A 589 8.18 19.25 5.66
N SER A 590 8.80 20.32 5.15
CA SER A 590 10.18 20.63 5.52
C SER A 590 10.26 20.97 7.01
N GLN A 591 11.48 21.04 7.51
CA GLN A 591 11.67 21.26 8.94
CA GLN A 591 11.74 21.25 8.94
C GLN A 591 11.81 22.73 9.29
N GLY A 592 11.34 23.08 10.48
CA GLY A 592 11.48 24.45 10.95
C GLY A 592 10.69 24.67 12.21
N LEU A 593 10.80 25.89 12.74
CA LEU A 593 10.31 26.20 14.08
C LEU A 593 8.79 26.30 14.18
N ILE A 594 8.06 26.35 13.06
CA ILE A 594 6.60 26.43 13.12
C ILE A 594 5.95 25.17 12.57
N ARG A 595 6.72 24.11 12.33
CA ARG A 595 6.18 22.85 11.83
C ARG A 595 6.46 21.75 12.86
N VAL A 596 5.42 21.40 13.61
CA VAL A 596 5.51 20.43 14.70
C VAL A 596 5.46 19.03 14.12
N GLN A 597 6.59 18.59 13.57
CA GLN A 597 6.70 17.36 12.79
C GLN A 597 5.64 17.35 11.69
N GLY A 598 5.83 18.28 10.75
CA GLY A 598 4.87 18.41 9.66
C GLY A 598 3.80 19.45 9.94
N ASN A 599 2.83 19.47 9.04
CA ASN A 599 1.69 20.38 9.16
C ASN A 599 0.60 19.68 9.95
N LYS A 600 0.12 20.32 11.02
CA LYS A 600 -0.82 19.71 11.94
C LYS A 600 -2.24 20.25 11.79
N LYS A 601 -2.57 20.80 10.61
CA LYS A 601 -3.91 21.34 10.42
C LYS A 601 -4.94 20.29 10.02
N GLY A 602 -4.58 19.01 9.98
CA GLY A 602 -5.57 18.00 9.62
C GLY A 602 -6.75 17.99 10.58
N LEU A 603 -7.94 17.72 10.04
CA LEU A 603 -9.04 17.26 10.88
C LEU A 603 -8.74 15.86 11.41
N PHE A 604 -8.01 15.07 10.63
CA PHE A 604 -7.53 13.76 11.01
C PHE A 604 -6.01 13.77 11.16
N THR A 605 -5.52 12.83 11.95
CA THR A 605 -4.07 12.61 12.05
C THR A 605 -3.57 11.92 10.78
N ARG A 606 -2.24 11.76 10.70
CA ARG A 606 -1.67 11.11 9.53
C ARG A 606 -2.14 9.66 9.41
N ASP A 607 -2.41 9.00 10.53
CA ASP A 607 -2.97 7.66 10.51
C ASP A 607 -4.50 7.69 10.57
N ARG A 608 -5.11 8.83 10.21
CA ARG A 608 -6.54 8.94 9.88
C ARG A 608 -7.43 8.76 11.12
N LYS A 609 -6.98 9.31 12.25
CA LYS A 609 -7.80 9.30 13.45
C LYS A 609 -8.41 10.68 13.66
N PRO A 610 -9.69 10.73 14.05
CA PRO A 610 -10.40 12.02 14.12
C PRO A 610 -10.04 12.82 15.36
N LYS A 611 -9.67 14.08 15.13
CA LYS A 611 -9.55 15.07 16.20
C LYS A 611 -10.95 15.59 16.58
N LEU A 612 -11.01 16.36 17.66
N LEU A 612 -10.99 16.39 17.64
CA LEU A 612 -12.28 16.95 18.08
CA LEU A 612 -12.25 16.96 18.10
C LEU A 612 -12.96 17.66 16.92
C LEU A 612 -12.96 17.73 16.99
N ALA A 613 -12.19 18.42 16.14
CA ALA A 613 -12.80 19.17 15.05
C ALA A 613 -13.35 18.26 13.96
N ALA A 614 -12.86 17.03 13.84
CA ALA A 614 -13.44 16.14 12.83
C ALA A 614 -14.85 15.75 13.25
N HIS A 615 -15.08 15.61 14.56
CA HIS A 615 -16.43 15.35 15.04
C HIS A 615 -17.30 16.60 14.89
N TYR A 616 -16.71 17.78 15.12
CA TYR A 616 -17.43 19.02 14.90
C TYR A 616 -17.95 19.09 13.47
N PHE A 617 -17.07 18.83 12.49
CA PHE A 617 -17.50 18.92 11.10
C PHE A 617 -18.49 17.82 10.73
N LYS A 618 -18.38 16.62 11.31
CA LYS A 618 -19.39 15.59 11.02
C LYS A 618 -20.78 16.07 11.41
N GLU A 619 -20.90 16.70 12.58
CA GLU A 619 -22.17 17.25 13.02
C GLU A 619 -22.62 18.38 12.10
N ARG A 620 -21.72 19.31 11.78
CA ARG A 620 -22.09 20.47 10.97
C ARG A 620 -22.49 20.04 9.56
N TRP A 621 -21.66 19.26 8.90
CA TRP A 621 -21.94 18.86 7.52
C TRP A 621 -23.14 17.95 7.40
N SER A 622 -23.49 17.23 8.47
CA SER A 622 -24.71 16.42 8.48
C SER A 622 -25.97 17.27 8.36
N LYS A 623 -25.89 18.55 8.75
CA LYS A 623 -27.04 19.43 8.70
C LYS A 623 -27.04 20.33 7.48
N ILE A 624 -26.03 20.25 6.63
CA ILE A 624 -25.92 21.11 5.46
C ILE A 624 -26.16 20.26 4.22
N PRO A 625 -27.16 20.58 3.40
CA PRO A 625 -27.42 19.78 2.19
C PRO A 625 -26.37 20.06 1.13
N ASP A 626 -26.20 19.08 0.22
CA ASP A 626 -25.31 19.28 -0.91
C ASP A 626 -25.84 20.33 -1.86
N PHE A 627 -27.16 20.44 -1.95
CA PHE A 627 -27.82 21.40 -2.83
C PHE A 627 -28.83 22.21 -2.03
N GLY A 628 -28.92 23.51 -2.36
CA GLY A 628 -29.96 24.35 -1.80
C GLY A 628 -29.64 24.92 -0.44
N TYR A 629 -28.37 24.91 -0.02
CA TYR A 629 -28.04 25.48 1.28
C TYR A 629 -28.15 27.00 1.24
N LYS A 630 -27.63 27.62 0.18
CA LYS A 630 -27.72 29.06 -0.01
C LYS A 630 -28.63 29.38 -1.19
N ALA B 24 2.71 -27.77 -5.97
CA ALA B 24 3.83 -27.00 -6.52
C ALA B 24 3.38 -25.56 -6.77
N MET B 25 4.08 -24.59 -6.18
CA MET B 25 3.65 -23.19 -6.28
C MET B 25 4.88 -22.27 -6.41
N LEU B 26 5.50 -22.27 -7.59
CA LEU B 26 6.52 -21.28 -7.89
C LEU B 26 5.95 -19.87 -7.88
N TYR B 27 6.72 -18.92 -7.35
CA TYR B 27 6.28 -17.52 -7.34
C TYR B 27 6.12 -17.01 -8.77
N PRO B 28 4.97 -16.43 -9.13
CA PRO B 28 4.79 -15.97 -10.52
C PRO B 28 5.66 -14.77 -10.84
N ILE B 29 6.39 -14.86 -11.95
CA ILE B 29 7.32 -13.84 -12.41
C ILE B 29 7.14 -13.65 -13.91
N LEU B 30 7.55 -12.48 -14.37
CA LEU B 30 7.55 -12.16 -15.80
C LEU B 30 8.82 -12.73 -16.43
N THR B 31 8.66 -13.58 -17.45
CA THR B 31 9.81 -14.20 -18.12
C THR B 31 9.58 -14.20 -19.63
N GLN B 32 10.60 -14.67 -20.36
CA GLN B 32 10.49 -14.74 -21.82
C GLN B 32 9.45 -15.75 -22.28
N SER B 33 8.89 -16.56 -21.38
CA SER B 33 7.85 -17.52 -21.73
C SER B 33 6.58 -17.32 -20.93
N ARG B 34 6.51 -16.32 -20.07
CA ARG B 34 5.43 -16.24 -19.09
C ARG B 34 4.95 -14.81 -18.95
N MET B 35 3.71 -14.56 -19.34
N MET B 35 3.69 -14.58 -19.32
CA MET B 35 3.11 -13.27 -18.99
CA MET B 35 2.99 -13.35 -18.98
C MET B 35 2.71 -13.25 -17.53
C MET B 35 2.73 -13.27 -17.49
N LEU B 36 2.63 -12.05 -16.98
CA LEU B 36 2.21 -11.82 -15.61
C LEU B 36 1.34 -10.58 -15.60
N ILE B 37 0.05 -10.75 -15.30
CA ILE B 37 -0.95 -9.69 -15.40
C ILE B 37 -1.60 -9.58 -14.02
N ASP B 38 -1.30 -8.50 -13.31
CA ASP B 38 -1.87 -8.29 -11.98
C ASP B 38 -3.34 -7.87 -12.13
N LEU B 39 -4.24 -8.52 -11.40
CA LEU B 39 -5.65 -8.17 -11.41
C LEU B 39 -6.05 -7.36 -10.18
N SER B 40 -5.08 -7.00 -9.35
CA SER B 40 -5.34 -6.15 -8.21
C SER B 40 -5.85 -4.79 -8.67
N GLY B 41 -6.54 -4.11 -7.77
CA GLY B 41 -7.14 -2.83 -8.07
C GLY B 41 -8.46 -2.69 -7.32
N THR B 42 -9.36 -1.88 -7.87
CA THR B 42 -10.67 -1.66 -7.28
C THR B 42 -11.65 -2.72 -7.78
N TRP B 43 -12.20 -3.52 -6.87
CA TRP B 43 -13.17 -4.55 -7.20
C TRP B 43 -14.53 -4.22 -6.60
N ARG B 44 -15.58 -4.80 -7.20
CA ARG B 44 -16.90 -4.76 -6.58
C ARG B 44 -16.95 -5.71 -5.38
N PHE B 45 -17.79 -5.38 -4.40
CA PHE B 45 -17.80 -6.10 -3.14
C PHE B 45 -19.20 -6.06 -2.55
N LYS B 46 -19.68 -7.21 -2.09
CA LYS B 46 -21.02 -7.29 -1.50
C LYS B 46 -21.02 -8.27 -0.34
N LEU B 47 -21.52 -7.83 0.81
CA LEU B 47 -21.77 -8.76 1.92
C LEU B 47 -22.83 -9.78 1.51
N ASP B 48 -22.62 -11.04 1.87
CA ASP B 48 -23.69 -12.01 1.72
C ASP B 48 -24.78 -11.68 2.73
N ASP B 49 -26.03 -11.65 2.26
CA ASP B 49 -27.19 -11.45 3.12
C ASP B 49 -27.92 -12.74 3.39
N GLY B 50 -27.30 -13.88 3.09
CA GLY B 50 -27.93 -15.17 3.24
C GLY B 50 -28.54 -15.73 1.97
N SER B 51 -28.47 -14.97 0.87
CA SER B 51 -29.07 -15.41 -0.38
C SER B 51 -28.10 -15.37 -1.56
N GLY B 52 -26.83 -15.06 -1.33
CA GLY B 52 -25.92 -14.87 -2.46
C GLY B 52 -25.64 -16.12 -3.26
N PHE B 53 -25.59 -17.29 -2.60
CA PHE B 53 -25.41 -18.51 -3.36
C PHE B 53 -26.72 -18.99 -3.96
N GLU B 54 -27.82 -18.83 -3.22
CA GLU B 54 -29.12 -19.25 -3.71
C GLU B 54 -29.50 -18.48 -4.97
N LYS B 55 -29.30 -17.16 -4.94
CA LYS B 55 -29.57 -16.28 -6.06
C LYS B 55 -28.40 -16.22 -7.05
N LYS B 56 -27.36 -17.03 -6.83
CA LYS B 56 -26.19 -17.17 -7.73
C LYS B 56 -25.67 -15.80 -8.20
N TRP B 57 -25.27 -14.98 -7.22
CA TRP B 57 -24.74 -13.65 -7.52
C TRP B 57 -23.55 -13.72 -8.48
N TYR B 58 -22.80 -14.83 -8.46
CA TYR B 58 -21.62 -14.94 -9.33
C TYR B 58 -21.99 -15.02 -10.81
N GLU B 59 -23.25 -15.26 -11.15
CA GLU B 59 -23.61 -15.38 -12.57
C GLU B 59 -23.78 -14.04 -13.26
N LYS B 60 -23.88 -12.95 -12.50
CA LYS B 60 -24.16 -11.63 -13.05
C LYS B 60 -23.29 -10.62 -12.32
N THR B 61 -23.20 -9.42 -12.90
CA THR B 61 -22.58 -8.29 -12.21
C THR B 61 -23.22 -8.13 -10.84
N LEU B 62 -22.39 -7.93 -9.81
CA LEU B 62 -22.94 -7.69 -8.49
C LEU B 62 -23.74 -6.41 -8.49
N ASP B 63 -24.93 -6.47 -7.92
CA ASP B 63 -25.87 -5.35 -7.88
C ASP B 63 -25.82 -4.67 -6.52
N ASP B 64 -25.95 -3.34 -6.50
CA ASP B 64 -26.04 -2.59 -5.26
C ASP B 64 -24.83 -2.88 -4.38
N ALA B 65 -23.66 -2.88 -5.00
CA ALA B 65 -22.42 -3.33 -4.38
C ALA B 65 -21.58 -2.14 -3.94
N GLN B 66 -20.65 -2.42 -3.04
CA GLN B 66 -19.64 -1.44 -2.67
C GLN B 66 -18.39 -1.67 -3.51
N LEU B 67 -17.37 -0.86 -3.25
CA LEU B 67 -16.06 -1.00 -3.87
C LEU B 67 -15.02 -1.24 -2.78
N MET B 68 -14.08 -2.12 -3.07
CA MET B 68 -13.06 -2.62 -2.14
C MET B 68 -11.71 -2.71 -2.84
N PRO B 69 -10.64 -2.20 -2.22
CA PRO B 69 -9.31 -2.39 -2.80
C PRO B 69 -8.88 -3.85 -2.67
N VAL B 70 -8.21 -4.34 -3.70
CA VAL B 70 -7.62 -5.68 -3.71
C VAL B 70 -6.16 -5.52 -4.12
N PRO B 71 -5.20 -6.03 -3.37
CA PRO B 71 -5.33 -6.81 -2.14
C PRO B 71 -5.55 -5.95 -0.89
N SER B 72 -6.28 -6.49 0.08
CA SER B 72 -6.54 -5.84 1.37
C SER B 72 -7.44 -6.74 2.19
N SER B 73 -7.37 -6.66 3.51
CA SER B 73 -8.49 -7.15 4.29
C SER B 73 -9.63 -6.15 4.14
N TYR B 74 -10.88 -6.65 4.19
CA TYR B 74 -12.00 -5.75 4.01
C TYR B 74 -12.46 -5.09 5.30
N ASN B 75 -12.00 -5.54 6.47
CA ASN B 75 -12.67 -5.23 7.73
C ASN B 75 -12.57 -3.77 8.11
N ASP B 76 -11.45 -3.11 7.79
CA ASP B 76 -11.17 -1.76 8.27
C ASP B 76 -11.26 -0.69 7.20
N ILE B 77 -11.67 -1.03 5.97
CA ILE B 77 -11.63 -0.04 4.90
C ILE B 77 -12.74 0.99 5.07
N LYS B 78 -13.92 0.56 5.52
CA LYS B 78 -15.05 1.43 5.75
C LYS B 78 -15.14 1.82 7.23
N GLU B 79 -16.27 2.42 7.61
CA GLU B 79 -16.49 2.87 8.99
C GLU B 79 -17.63 2.10 9.66
N SER B 80 -17.87 0.86 9.23
CA SER B 80 -19.06 0.11 9.62
C SER B 80 -18.69 -1.06 10.53
N ALA B 81 -19.27 -1.09 11.74
CA ALA B 81 -19.04 -2.24 12.61
C ALA B 81 -19.65 -3.50 12.03
N ASP B 82 -20.80 -3.38 11.37
CA ASP B 82 -21.41 -4.57 10.78
C ASP B 82 -20.52 -5.18 9.71
N LEU B 83 -19.75 -4.35 9.00
CA LEU B 83 -18.78 -4.87 8.04
CA LEU B 83 -18.78 -4.87 8.04
C LEU B 83 -17.57 -5.46 8.75
N ARG B 84 -16.99 -4.70 9.69
CA ARG B 84 -15.84 -5.20 10.42
C ARG B 84 -16.14 -6.52 11.10
N ASP B 85 -17.32 -6.63 11.72
CA ASP B 85 -17.68 -7.80 12.51
C ASP B 85 -18.60 -8.77 11.75
N HIS B 86 -18.59 -8.71 10.43
CA HIS B 86 -19.39 -9.61 9.59
C HIS B 86 -19.09 -11.08 9.90
N TYR B 87 -20.14 -11.90 9.80
CA TYR B 87 -20.04 -13.35 10.00
C TYR B 87 -20.52 -14.03 8.72
N GLY B 88 -19.64 -14.79 8.08
CA GLY B 88 -20.04 -15.53 6.90
C GLY B 88 -19.32 -15.11 5.64
N TRP B 89 -20.03 -15.09 4.52
CA TRP B 89 -19.45 -14.90 3.21
C TRP B 89 -19.53 -13.44 2.75
N VAL B 90 -18.59 -13.08 1.87
CA VAL B 90 -18.68 -11.87 1.06
C VAL B 90 -18.33 -12.25 -0.37
N PHE B 91 -18.74 -11.40 -1.31
CA PHE B 91 -18.49 -11.62 -2.73
C PHE B 91 -17.68 -10.47 -3.30
N TYR B 92 -16.52 -10.79 -3.86
CA TYR B 92 -15.72 -9.86 -4.66
C TYR B 92 -15.97 -10.14 -6.13
N GLN B 93 -15.84 -9.12 -6.96
CA GLN B 93 -16.01 -9.35 -8.39
C GLN B 93 -15.31 -8.27 -9.22
N ARG B 94 -14.77 -8.67 -10.37
CA ARG B 94 -14.30 -7.71 -11.34
C ARG B 94 -14.53 -8.25 -12.75
N ASP B 95 -14.46 -7.34 -13.73
CA ASP B 95 -14.47 -7.79 -15.11
C ASP B 95 -13.11 -8.32 -15.50
N LEU B 96 -13.10 -9.32 -16.39
CA LEU B 96 -11.89 -9.95 -16.88
C LEU B 96 -12.04 -10.04 -18.40
N ASN B 97 -11.52 -9.02 -19.09
CA ASN B 97 -11.55 -8.94 -20.55
C ASN B 97 -10.11 -9.07 -21.03
N ILE B 98 -9.77 -10.21 -21.62
CA ILE B 98 -8.39 -10.52 -21.97
C ILE B 98 -8.32 -10.86 -23.45
N PRO B 99 -7.15 -10.71 -24.07
CA PRO B 99 -7.03 -11.02 -25.49
C PRO B 99 -7.20 -12.50 -25.75
N ALA B 100 -7.98 -12.82 -26.78
CA ALA B 100 -8.18 -14.20 -27.20
C ALA B 100 -6.87 -14.85 -27.59
N TYR B 101 -5.85 -14.07 -27.95
CA TYR B 101 -4.61 -14.69 -28.39
C TYR B 101 -3.84 -15.31 -27.23
N LEU B 102 -4.20 -15.00 -25.98
CA LEU B 102 -3.63 -15.73 -24.86
C LEU B 102 -4.03 -17.20 -24.86
N LYS B 103 -5.09 -17.55 -25.61
CA LYS B 103 -5.56 -18.94 -25.65
C LYS B 103 -4.54 -19.86 -26.32
N THR B 104 -3.52 -19.33 -26.97
CA THR B 104 -2.43 -20.18 -27.45
C THR B 104 -1.54 -20.64 -26.31
N GLN B 105 -1.65 -20.01 -25.15
CA GLN B 105 -0.87 -20.32 -23.96
C GLN B 105 -1.75 -21.03 -22.94
N ARG B 106 -1.09 -21.64 -21.95
CA ARG B 106 -1.81 -22.09 -20.77
C ARG B 106 -2.08 -20.89 -19.87
N ILE B 107 -3.34 -20.68 -19.49
CA ILE B 107 -3.75 -19.51 -18.73
C ILE B 107 -4.08 -19.91 -17.30
N VAL B 108 -3.47 -19.25 -16.32
CA VAL B 108 -3.57 -19.63 -14.91
C VAL B 108 -3.96 -18.42 -14.09
N LEU B 109 -4.93 -18.61 -13.18
CA LEU B 109 -5.29 -17.60 -12.18
C LEU B 109 -4.65 -17.99 -10.87
N ARG B 110 -3.79 -17.14 -10.35
CA ARG B 110 -3.11 -17.40 -9.08
C ARG B 110 -3.69 -16.49 -8.00
N PHE B 111 -4.16 -17.10 -6.91
CA PHE B 111 -4.57 -16.37 -5.71
C PHE B 111 -3.49 -16.54 -4.66
N ALA B 112 -2.76 -15.46 -4.37
CA ALA B 112 -1.66 -15.55 -3.42
C ALA B 112 -2.18 -15.87 -2.02
N ALA B 113 -3.34 -15.32 -1.66
CA ALA B 113 -3.99 -15.65 -0.39
C ALA B 113 -5.40 -15.09 -0.37
N VAL B 114 -6.37 -15.93 0.01
CA VAL B 114 -7.74 -15.51 0.25
C VAL B 114 -8.14 -16.05 1.61
N THR B 115 -8.47 -15.17 2.55
CA THR B 115 -8.65 -15.51 3.96
C THR B 115 -10.13 -15.48 4.30
N HIS B 116 -10.70 -16.62 4.75
CA HIS B 116 -10.06 -17.91 5.03
C HIS B 116 -10.26 -18.97 3.96
N SER B 117 -11.49 -19.02 3.41
CA SER B 117 -11.84 -19.99 2.40
C SER B 117 -12.41 -19.28 1.19
N ALA B 118 -12.23 -19.88 0.01
CA ALA B 118 -12.57 -19.23 -1.25
C ALA B 118 -13.36 -20.16 -2.15
N LYS B 119 -14.29 -19.58 -2.90
CA LYS B 119 -14.89 -20.20 -4.07
C LYS B 119 -14.68 -19.25 -5.23
N VAL B 120 -14.09 -19.74 -6.32
CA VAL B 120 -13.70 -18.90 -7.45
C VAL B 120 -14.56 -19.27 -8.65
N TYR B 121 -15.21 -18.28 -9.24
CA TYR B 121 -16.08 -18.46 -10.40
C TYR B 121 -15.59 -17.64 -11.57
N VAL B 122 -15.57 -18.23 -12.75
CA VAL B 122 -15.43 -17.48 -13.99
C VAL B 122 -16.73 -17.65 -14.74
N ASN B 123 -17.44 -16.53 -14.95
CA ASN B 123 -18.71 -16.52 -15.67
C ASN B 123 -19.74 -17.46 -15.07
N GLY B 124 -19.77 -17.61 -13.76
CA GLY B 124 -20.77 -18.52 -13.22
C GLY B 124 -20.43 -19.99 -13.25
N THR B 125 -19.25 -20.37 -13.74
CA THR B 125 -18.70 -21.71 -13.55
C THR B 125 -17.75 -21.69 -12.37
N LEU B 126 -18.02 -22.56 -11.38
CA LEU B 126 -17.09 -22.72 -10.26
C LEU B 126 -15.83 -23.41 -10.75
N LEU B 127 -14.70 -22.72 -10.67
CA LEU B 127 -13.42 -23.21 -11.14
CA LEU B 127 -13.43 -23.25 -11.15
C LEU B 127 -12.59 -23.86 -10.04
N CYS B 128 -12.57 -23.29 -8.84
N CYS B 128 -12.65 -23.32 -8.82
CA CYS B 128 -11.84 -23.94 -7.76
CA CYS B 128 -11.72 -23.67 -7.76
C CYS B 128 -12.36 -23.45 -6.43
C CYS B 128 -12.35 -23.38 -6.40
N GLU B 129 -12.02 -24.21 -5.40
CA GLU B 129 -12.29 -23.88 -4.01
C GLU B 129 -11.03 -24.14 -3.21
N HIS B 130 -10.88 -23.41 -2.10
CA HIS B 130 -9.67 -23.52 -1.32
C HIS B 130 -9.98 -23.31 0.16
N LYS B 131 -9.36 -24.13 1.00
CA LYS B 131 -9.41 -23.95 2.44
C LYS B 131 -8.01 -23.58 2.93
N GLY B 132 -7.94 -22.54 3.77
CA GLY B 132 -6.66 -22.09 4.31
C GLY B 132 -6.36 -20.67 3.86
N GLY B 133 -6.30 -19.72 4.80
CA GLY B 133 -6.33 -18.33 4.41
C GLY B 133 -5.01 -17.66 4.10
N PHE B 134 -3.90 -18.40 4.13
CA PHE B 134 -2.60 -17.74 4.14
C PHE B 134 -1.59 -18.38 3.19
N LEU B 135 -2.03 -19.24 2.28
CA LEU B 135 -1.18 -19.91 1.33
C LEU B 135 -1.80 -19.86 -0.06
N PRO B 136 -0.97 -19.87 -1.10
CA PRO B 136 -1.50 -19.63 -2.45
C PRO B 136 -2.20 -20.84 -3.06
N PHE B 137 -3.08 -20.53 -4.02
CA PHE B 137 -3.72 -21.59 -4.80
C PHE B 137 -3.95 -21.05 -6.20
N GLU B 138 -4.17 -21.96 -7.16
CA GLU B 138 -4.30 -21.53 -8.54
C GLU B 138 -5.18 -22.50 -9.31
N THR B 139 -5.71 -22.02 -10.43
CA THR B 139 -6.49 -22.85 -11.33
C THR B 139 -6.24 -22.40 -12.77
N GLU B 140 -6.14 -23.37 -13.68
CA GLU B 140 -6.17 -23.01 -15.08
C GLU B 140 -7.57 -22.52 -15.45
N ILE B 141 -7.64 -21.61 -16.41
CA ILE B 141 -8.92 -21.24 -17.00
C ILE B 141 -9.09 -22.09 -18.27
N PRO B 142 -10.07 -22.99 -18.33
CA PRO B 142 -10.31 -23.73 -19.56
C PRO B 142 -10.61 -22.76 -20.70
N GLU B 143 -9.94 -22.98 -21.86
CA GLU B 143 -10.09 -22.09 -23.01
C GLU B 143 -11.56 -21.86 -23.34
N ASN B 144 -12.37 -22.92 -23.29
CA ASN B 144 -13.77 -22.86 -23.70
C ASN B 144 -14.60 -21.92 -22.83
N LEU B 145 -14.16 -21.65 -21.59
CA LEU B 145 -14.92 -20.78 -20.71
C LEU B 145 -14.69 -19.30 -21.00
N ILE B 146 -13.62 -18.95 -21.70
CA ILE B 146 -13.23 -17.55 -21.88
C ILE B 146 -14.04 -16.96 -23.03
N ARG B 147 -15.00 -16.11 -22.68
CA ARG B 147 -15.83 -15.42 -23.66
C ARG B 147 -15.18 -14.08 -24.02
N ASP B 148 -15.83 -13.34 -24.92
CA ASP B 148 -15.32 -12.02 -25.26
C ASP B 148 -15.30 -11.10 -24.03
N GLU B 149 -16.32 -11.22 -23.19
CA GLU B 149 -16.37 -10.49 -21.92
C GLU B 149 -16.59 -11.51 -20.81
N ASN B 150 -15.86 -11.36 -19.69
CA ASN B 150 -15.94 -12.34 -18.62
C ASN B 150 -16.09 -11.65 -17.27
N LEU B 151 -16.65 -12.40 -16.31
CA LEU B 151 -16.74 -11.98 -14.92
C LEU B 151 -15.92 -12.92 -14.06
N LEU B 152 -15.11 -12.35 -13.16
CA LEU B 152 -14.36 -13.11 -12.18
C LEU B 152 -14.97 -12.81 -10.83
N THR B 153 -15.50 -13.83 -10.16
CA THR B 153 -16.14 -13.65 -8.85
C THR B 153 -15.43 -14.54 -7.84
N VAL B 154 -15.09 -13.96 -6.70
CA VAL B 154 -14.43 -14.68 -5.61
C VAL B 154 -15.32 -14.54 -4.38
N ALA B 155 -15.89 -15.65 -3.92
CA ALA B 155 -16.61 -15.67 -2.66
C ALA B 155 -15.62 -16.01 -1.56
N VAL B 156 -15.67 -15.27 -0.45
CA VAL B 156 -14.68 -15.36 0.62
C VAL B 156 -15.41 -15.62 1.92
N ASP B 157 -15.05 -16.71 2.61
CA ASP B 157 -15.66 -17.13 3.87
C ASP B 157 -14.74 -16.76 5.02
N ASN B 158 -15.29 -16.13 6.07
CA ASN B 158 -14.46 -15.72 7.21
C ASN B 158 -14.65 -16.59 8.44
N ARG B 159 -15.45 -17.65 8.35
CA ARG B 159 -15.85 -18.40 9.53
C ARG B 159 -14.76 -19.37 9.99
N ILE B 160 -14.59 -19.47 11.31
CA ILE B 160 -13.59 -20.33 11.93
C ILE B 160 -14.26 -21.20 12.99
N ASP B 161 -13.74 -22.41 13.17
CA ASP B 161 -14.31 -23.36 14.14
C ASP B 161 -13.23 -24.38 14.52
N HIS B 162 -13.65 -25.54 15.04
CA HIS B 162 -12.71 -26.57 15.48
C HIS B 162 -12.02 -27.28 14.33
N SER B 163 -12.38 -26.98 13.07
CA SER B 163 -11.79 -27.64 11.91
C SER B 163 -10.90 -26.70 11.10
N THR B 164 -10.81 -25.42 11.46
CA THR B 164 -10.04 -24.45 10.71
C THR B 164 -8.72 -24.15 11.42
N LEU B 165 -7.74 -23.73 10.63
CA LEU B 165 -6.51 -23.14 11.15
C LEU B 165 -6.40 -21.74 10.59
N PRO B 166 -6.47 -20.69 11.40
CA PRO B 166 -6.52 -20.74 12.88
C PRO B 166 -7.87 -21.20 13.43
N VAL B 167 -7.86 -21.68 14.67
CA VAL B 167 -9.01 -22.31 15.28
C VAL B 167 -10.00 -21.26 15.79
N GLY B 168 -11.28 -21.52 15.57
CA GLY B 168 -12.36 -20.76 16.19
C GLY B 168 -13.03 -21.57 17.28
N ARG B 169 -13.42 -20.90 18.36
CA ARG B 169 -14.14 -21.58 19.42
C ARG B 169 -15.57 -21.90 18.96
N GLU B 170 -16.11 -22.98 19.53
CA GLU B 170 -17.53 -23.31 19.36
C GLU B 170 -18.29 -23.11 20.66
N ASP B 171 -18.12 -24.00 21.65
CA ASP B 171 -18.77 -23.79 22.94
C ASP B 171 -17.82 -23.29 24.01
N GLU B 172 -16.54 -23.10 23.68
CA GLU B 172 -15.54 -22.72 24.68
C GLU B 172 -15.70 -21.25 25.07
N SER B 173 -15.23 -20.94 26.27
CA SER B 173 -15.42 -19.62 26.84
C SER B 173 -14.37 -18.65 26.34
N ASN B 174 -14.72 -17.36 26.35
CA ASN B 174 -13.81 -16.29 25.97
C ASN B 174 -12.95 -15.94 27.18
N VAL B 175 -11.67 -16.31 27.13
CA VAL B 175 -10.79 -16.07 28.28
C VAL B 175 -10.28 -14.62 28.28
N LEU B 176 -9.77 -14.15 27.15
CA LEU B 176 -9.24 -12.79 27.08
C LEU B 176 -10.34 -11.74 27.00
N GLY B 177 -11.46 -12.06 26.37
CA GLY B 177 -12.53 -11.09 26.21
C GLY B 177 -13.79 -11.49 26.96
N GLY B 178 -13.64 -11.94 28.20
CA GLY B 178 -14.78 -12.31 29.02
C GLY B 178 -15.33 -11.13 29.80
N SER B 179 -16.65 -11.16 29.98
CA SER B 179 -17.35 -10.14 30.73
C SER B 179 -17.43 -10.52 32.19
N PHE B 180 -17.65 -9.51 33.04
CA PHE B 180 -17.96 -9.79 34.45
C PHE B 180 -19.34 -10.41 34.60
N PHE B 181 -20.25 -10.12 33.67
CA PHE B 181 -21.61 -10.61 33.71
C PHE B 181 -21.97 -11.07 32.29
N PRO B 182 -22.47 -12.29 32.13
CA PRO B 182 -22.76 -12.79 30.78
C PRO B 182 -23.84 -11.98 30.10
N TYR B 183 -23.79 -11.99 28.76
CA TYR B 183 -24.77 -11.28 27.95
C TYR B 183 -25.01 -12.08 26.68
N THR B 184 -26.14 -11.78 26.04
CA THR B 184 -26.50 -12.40 24.76
C THR B 184 -26.07 -11.49 23.63
N PRO B 185 -25.18 -11.92 22.75
CA PRO B 185 -24.72 -11.05 21.65
C PRO B 185 -25.88 -10.71 20.72
N THR B 186 -25.80 -9.52 20.13
CA THR B 186 -26.83 -9.09 19.20
C THR B 186 -26.89 -10.00 17.98
N LYS B 187 -25.73 -10.37 17.44
CA LYS B 187 -25.63 -11.19 16.24
C LYS B 187 -24.60 -12.29 16.43
N LYS B 188 -24.76 -13.38 15.69
CA LYS B 188 -23.79 -14.46 15.68
C LYS B 188 -22.45 -13.96 15.14
N GLN B 189 -21.36 -14.31 15.81
CA GLN B 189 -20.04 -13.83 15.42
C GLN B 189 -19.02 -14.96 15.57
N ASN B 190 -17.90 -14.81 14.87
CA ASN B 190 -16.79 -15.73 15.08
C ASN B 190 -16.28 -15.60 16.51
N LYS B 191 -15.71 -16.70 17.02
CA LYS B 191 -15.16 -16.76 18.37
C LYS B 191 -13.68 -17.15 18.27
N PRO B 192 -12.81 -16.21 17.91
CA PRO B 192 -11.40 -16.56 17.69
C PRO B 192 -10.79 -17.26 18.91
N ASN B 193 -10.06 -18.33 18.66
CA ASN B 193 -9.24 -18.96 19.72
C ASN B 193 -7.79 -18.50 19.63
N PHE B 194 -7.62 -17.21 19.32
CA PHE B 194 -6.34 -16.56 19.08
C PHE B 194 -6.53 -15.07 19.33
N ASP B 195 -5.42 -14.38 19.58
CA ASP B 195 -5.46 -12.96 19.95
C ASP B 195 -5.73 -12.05 18.74
N PHE B 196 -4.99 -12.23 17.65
CA PHE B 196 -5.00 -11.25 16.57
C PHE B 196 -6.39 -11.15 15.92
N PHE B 197 -6.69 -9.97 15.39
CA PHE B 197 -7.99 -9.73 14.79
C PHE B 197 -8.17 -10.62 13.55
N ASN B 198 -9.41 -11.09 13.36
CA ASN B 198 -9.76 -12.01 12.27
C ASN B 198 -9.96 -11.26 10.94
N TYR B 199 -8.89 -10.65 10.46
CA TYR B 199 -8.89 -9.94 9.19
C TYR B 199 -9.08 -10.91 8.03
N CYS B 200 -10.09 -10.64 7.19
CA CYS B 200 -10.40 -11.54 6.08
C CYS B 200 -10.54 -10.73 4.79
N GLY B 201 -10.64 -11.46 3.67
CA GLY B 201 -10.77 -10.81 2.39
C GLY B 201 -9.74 -11.34 1.41
N ILE B 202 -9.53 -10.62 0.30
CA ILE B 202 -8.52 -11.01 -0.66
C ILE B 202 -7.21 -10.38 -0.21
N THR B 203 -6.51 -11.12 0.66
CA THR B 203 -5.40 -10.57 1.46
C THR B 203 -4.19 -10.22 0.61
N ARG B 204 -3.91 -11.01 -0.42
CA ARG B 204 -2.72 -10.88 -1.25
C ARG B 204 -3.12 -10.87 -2.71
N PRO B 205 -2.21 -10.48 -3.61
CA PRO B 205 -2.59 -10.21 -5.01
C PRO B 205 -3.23 -11.40 -5.71
N VAL B 206 -4.14 -11.07 -6.64
CA VAL B 206 -4.68 -12.00 -7.62
C VAL B 206 -4.04 -11.66 -8.95
N LYS B 207 -3.50 -12.67 -9.63
CA LYS B 207 -2.80 -12.43 -10.90
C LYS B 207 -3.18 -13.51 -11.90
N LEU B 208 -3.21 -13.11 -13.16
CA LEU B 208 -3.27 -14.05 -14.28
C LEU B 208 -1.85 -14.22 -14.80
N TYR B 209 -1.43 -15.46 -15.02
CA TYR B 209 -0.15 -15.67 -15.68
C TYR B 209 -0.32 -16.75 -16.74
N THR B 210 0.69 -16.85 -17.61
CA THR B 210 0.68 -17.84 -18.67
C THR B 210 1.98 -18.62 -18.67
N THR B 211 1.93 -19.82 -19.24
CA THR B 211 3.10 -20.64 -19.53
C THR B 211 2.84 -21.27 -20.91
N PRO B 212 3.88 -21.78 -21.56
CA PRO B 212 3.64 -22.61 -22.74
C PRO B 212 2.67 -23.74 -22.41
N LYS B 213 1.86 -24.11 -23.40
CA LYS B 213 0.80 -25.09 -23.17
C LYS B 213 1.35 -26.50 -23.03
N ASP B 214 2.31 -26.88 -23.88
CA ASP B 214 2.64 -28.27 -24.08
C ASP B 214 3.72 -28.79 -23.14
N ALA B 215 4.59 -27.91 -22.65
CA ALA B 215 5.70 -28.30 -21.81
C ALA B 215 6.06 -27.10 -20.96
N TYR B 216 6.11 -27.30 -19.63
CA TYR B 216 6.38 -26.17 -18.75
C TYR B 216 6.94 -26.69 -17.43
N ILE B 217 7.57 -25.78 -16.70
CA ILE B 217 8.18 -26.07 -15.40
C ILE B 217 7.10 -25.95 -14.34
N SER B 218 6.91 -27.01 -13.54
CA SER B 218 5.96 -26.94 -12.42
C SER B 218 6.63 -26.65 -11.09
N ASP B 219 7.83 -27.18 -10.84
CA ASP B 219 8.47 -26.92 -9.56
C ASP B 219 9.98 -27.05 -9.69
N ILE B 220 10.69 -26.43 -8.75
CA ILE B 220 12.14 -26.42 -8.70
C ILE B 220 12.53 -26.67 -7.25
N THR B 221 13.40 -27.65 -7.02
CA THR B 221 13.89 -27.97 -5.68
C THR B 221 15.41 -27.91 -5.70
N LEU B 222 16.00 -27.17 -4.75
CA LEU B 222 17.46 -27.01 -4.66
C LEU B 222 17.94 -27.28 -3.25
N THR B 223 19.00 -28.07 -3.13
CA THR B 223 19.74 -28.22 -1.88
C THR B 223 21.21 -28.01 -2.16
N SER B 224 21.97 -27.65 -1.12
CA SER B 224 23.37 -27.33 -1.30
C SER B 224 24.23 -28.08 -0.29
N SER B 225 25.46 -28.40 -0.71
CA SER B 225 26.49 -29.01 0.12
C SER B 225 27.79 -28.25 -0.10
N LEU B 226 28.52 -27.99 0.98
CA LEU B 226 29.75 -27.20 0.92
C LEU B 226 30.94 -28.12 1.13
N GLU B 227 31.67 -28.41 0.05
CA GLU B 227 32.88 -29.20 0.09
C GLU B 227 34.07 -28.27 -0.13
N ASN B 228 34.81 -27.98 0.94
CA ASN B 228 35.87 -26.97 0.97
C ASN B 228 35.23 -25.64 0.60
N ASN B 229 35.69 -24.93 -0.42
CA ASN B 229 35.06 -23.71 -0.87
C ASN B 229 34.18 -23.93 -2.10
N THR B 230 33.86 -25.18 -2.40
CA THR B 230 33.04 -25.54 -3.55
C THR B 230 31.65 -25.91 -3.05
N ALA B 231 30.62 -25.24 -3.56
CA ALA B 231 29.25 -25.60 -3.27
C ALA B 231 28.73 -26.57 -4.32
N ARG B 232 28.12 -27.67 -3.88
CA ARG B 232 27.38 -28.54 -4.78
C ARG B 232 25.89 -28.29 -4.60
N ILE B 233 25.22 -27.91 -5.68
CA ILE B 233 23.79 -27.66 -5.66
C ILE B 233 23.09 -28.85 -6.34
N ASN B 234 22.30 -29.57 -5.56
CA ASN B 234 21.51 -30.68 -6.08
C ASN B 234 20.13 -30.16 -6.45
N TYR B 235 19.69 -30.46 -7.66
CA TYR B 235 18.43 -29.93 -8.15
C TYR B 235 17.50 -31.06 -8.57
N LYS B 236 16.21 -30.79 -8.43
CA LYS B 236 15.15 -31.61 -9.03
C LYS B 236 14.16 -30.64 -9.66
N ILE B 237 14.01 -30.74 -10.98
CA ILE B 237 13.15 -29.86 -11.75
C ILE B 237 11.94 -30.67 -12.19
N ASP B 238 10.78 -30.36 -11.61
CA ASP B 238 9.54 -31.04 -11.93
C ASP B 238 8.86 -30.32 -13.08
N THR B 239 8.42 -31.09 -14.08
CA THR B 239 7.91 -30.52 -15.31
C THR B 239 6.65 -31.27 -15.73
N LYS B 240 5.90 -30.65 -16.63
CA LYS B 240 4.80 -31.30 -17.31
C LYS B 240 5.08 -31.26 -18.80
N GLY B 241 4.85 -32.39 -19.48
CA GLY B 241 5.14 -32.50 -20.89
C GLY B 241 6.51 -33.09 -21.15
N SER B 242 6.82 -33.23 -22.43
CA SER B 242 8.09 -33.83 -22.87
C SER B 242 8.92 -32.76 -23.54
N ALA B 243 10.06 -32.44 -22.95
CA ALA B 243 11.01 -31.50 -23.50
C ALA B 243 12.35 -31.76 -22.83
N HIS B 244 13.34 -30.92 -23.13
CA HIS B 244 14.66 -31.03 -22.55
C HIS B 244 14.86 -29.95 -21.49
N THR B 245 15.49 -30.34 -20.38
CA THR B 245 15.72 -29.46 -19.24
C THR B 245 17.16 -28.97 -19.20
N ALA B 246 17.34 -27.68 -18.90
CA ALA B 246 18.66 -27.10 -18.72
C ALA B 246 18.65 -26.18 -17.50
N ILE B 247 19.81 -26.05 -16.85
CA ILE B 247 19.93 -25.22 -15.65
C ILE B 247 21.26 -24.46 -15.70
N GLY B 248 21.22 -23.18 -15.33
CA GLY B 248 22.40 -22.35 -15.23
C GLY B 248 22.38 -21.48 -13.99
N VAL B 249 23.53 -21.34 -13.32
CA VAL B 249 23.63 -20.54 -12.10
C VAL B 249 24.53 -19.35 -12.39
N TYR B 250 24.03 -18.15 -12.08
CA TYR B 250 24.66 -16.90 -12.44
C TYR B 250 24.90 -16.04 -11.21
N THR B 251 26.04 -15.35 -11.19
CA THR B 251 26.27 -14.35 -10.15
C THR B 251 25.30 -13.18 -10.33
N LYS B 252 25.19 -12.36 -9.28
CA LYS B 252 24.35 -11.17 -9.34
C LYS B 252 24.71 -10.30 -10.54
N GLN B 253 26.00 -10.15 -10.82
CA GLN B 253 26.48 -9.35 -11.93
C GLN B 253 26.33 -10.05 -13.28
N GLY B 254 25.98 -11.33 -13.30
CA GLY B 254 25.62 -12.00 -14.52
C GLY B 254 26.63 -12.98 -15.11
N VAL B 255 27.62 -13.43 -14.35
CA VAL B 255 28.60 -14.40 -14.81
C VAL B 255 28.04 -15.80 -14.56
N CYS B 256 28.10 -16.66 -15.57
CA CYS B 256 27.72 -18.05 -15.37
C CYS B 256 28.80 -18.78 -14.57
N VAL B 257 28.39 -19.47 -13.51
CA VAL B 257 29.33 -20.21 -12.66
C VAL B 257 29.10 -21.72 -12.69
N ALA B 258 28.00 -22.19 -13.28
CA ALA B 258 27.70 -23.60 -13.47
C ALA B 258 26.55 -23.73 -14.46
N GLN B 259 26.59 -24.77 -15.29
CA GLN B 259 25.58 -25.01 -16.32
C GLN B 259 25.53 -26.49 -16.65
N THR B 260 24.32 -27.05 -16.75
CA THR B 260 24.14 -28.43 -17.20
C THR B 260 22.94 -28.49 -18.13
N GLU B 261 23.09 -29.14 -19.29
CA GLU B 261 22.02 -29.24 -20.27
C GLU B 261 21.49 -30.66 -20.37
N ASN B 262 20.25 -30.77 -20.87
CA ASN B 262 19.56 -32.05 -21.04
C ASN B 262 19.75 -32.93 -19.80
N THR B 263 19.37 -32.38 -18.65
CA THR B 263 19.65 -33.02 -17.37
C THR B 263 18.49 -33.85 -16.84
N GLY B 264 17.34 -33.83 -17.51
CA GLY B 264 16.17 -34.49 -16.99
C GLY B 264 15.70 -33.82 -15.70
N THR B 265 15.20 -34.64 -14.78
CA THR B 265 14.60 -34.12 -13.56
C THR B 265 15.65 -33.83 -12.50
N GLU B 266 16.42 -34.84 -12.11
CA GLU B 266 17.37 -34.72 -11.01
C GLU B 266 18.80 -34.58 -11.53
N GLY B 267 19.61 -33.86 -10.76
CA GLY B 267 21.01 -33.69 -11.10
C GLY B 267 21.72 -32.90 -10.02
N SER B 268 22.99 -32.61 -10.27
CA SER B 268 23.77 -31.77 -9.39
C SER B 268 24.74 -30.94 -10.21
N LEU B 269 25.35 -29.96 -9.55
CA LEU B 269 26.34 -29.11 -10.18
C LEU B 269 27.13 -28.42 -9.07
N THR B 270 28.28 -27.85 -9.43
CA THR B 270 29.19 -27.31 -8.43
C THR B 270 29.57 -25.88 -8.77
N ILE B 271 29.72 -25.07 -7.72
CA ILE B 271 30.14 -23.67 -7.84
C ILE B 271 31.47 -23.52 -7.11
N GLU B 272 32.51 -23.20 -7.85
CA GLU B 272 33.82 -22.97 -7.27
C GLU B 272 33.84 -21.61 -6.56
N ASN B 273 34.42 -21.60 -5.35
CA ASN B 273 34.55 -20.38 -4.55
C ASN B 273 33.20 -19.70 -4.36
N ALA B 274 32.25 -20.48 -3.87
CA ALA B 274 30.88 -20.01 -3.73
C ALA B 274 30.76 -18.95 -2.64
N VAL B 275 29.95 -17.93 -2.91
CA VAL B 275 29.64 -16.89 -1.93
C VAL B 275 28.43 -17.34 -1.12
N LEU B 276 28.63 -17.53 0.17
CA LEU B 276 27.58 -18.00 1.05
C LEU B 276 26.65 -16.86 1.45
N TRP B 277 25.37 -17.18 1.54
CA TRP B 277 24.38 -16.29 2.13
C TRP B 277 24.56 -16.29 3.65
N GLU B 278 24.69 -15.10 4.24
CA GLU B 278 24.83 -14.97 5.68
C GLU B 278 23.80 -14.00 6.23
N PRO B 279 23.37 -14.19 7.48
CA PRO B 279 22.51 -13.18 8.11
C PRO B 279 23.14 -11.80 8.01
N LEU B 280 22.34 -10.82 7.58
CA LEU B 280 22.73 -9.43 7.39
C LEU B 280 23.81 -9.24 6.33
N LYS B 281 24.23 -10.32 5.67
CA LYS B 281 25.19 -10.25 4.57
C LYS B 281 24.71 -11.17 3.45
N PRO B 282 23.56 -10.86 2.85
CA PRO B 282 22.96 -11.78 1.88
C PRO B 282 23.77 -11.86 0.60
N TYR B 283 23.68 -13.02 -0.06
CA TYR B 283 24.14 -13.18 -1.43
C TYR B 283 23.21 -14.15 -2.11
N LEU B 284 22.63 -13.73 -3.22
CA LEU B 284 21.72 -14.58 -3.99
C LEU B 284 22.30 -14.79 -5.37
N TYR B 285 22.50 -16.05 -5.75
CA TYR B 285 22.70 -16.36 -7.15
C TYR B 285 21.36 -16.34 -7.88
N GLU B 286 21.42 -16.27 -9.20
CA GLU B 286 20.24 -16.45 -10.06
C GLU B 286 20.32 -17.81 -10.73
N VAL B 287 19.36 -18.67 -10.44
CA VAL B 287 19.30 -20.01 -11.04
C VAL B 287 18.31 -19.94 -12.19
N LYS B 288 18.80 -20.09 -13.43
CA LYS B 288 17.95 -19.96 -14.61
C LYS B 288 17.68 -21.34 -15.19
N ILE B 289 16.41 -21.63 -15.44
CA ILE B 289 15.98 -22.94 -15.90
C ILE B 289 15.22 -22.77 -17.21
N SER B 290 15.47 -23.69 -18.14
CA SER B 290 14.71 -23.77 -19.38
C SER B 290 14.17 -25.17 -19.54
N PHE B 291 12.94 -25.26 -20.04
CA PHE B 291 12.29 -26.54 -20.32
C PHE B 291 11.44 -26.34 -21.56
N GLY B 292 11.84 -26.92 -22.68
CA GLY B 292 11.13 -26.63 -23.91
C GLY B 292 11.23 -25.13 -24.19
N GLU B 293 10.08 -24.49 -24.36
CA GLU B 293 10.03 -23.05 -24.56
C GLU B 293 9.93 -22.28 -23.25
N ASP B 294 9.81 -22.96 -22.12
CA ASP B 294 9.57 -22.29 -20.84
C ASP B 294 10.88 -21.82 -20.21
N ARG B 295 10.82 -20.65 -19.57
CA ARG B 295 11.95 -20.00 -18.91
C ARG B 295 11.55 -19.55 -17.52
N TYR B 296 12.40 -19.83 -16.52
CA TYR B 296 12.09 -19.41 -15.16
C TYR B 296 13.41 -19.14 -14.43
N THR B 297 13.44 -18.07 -13.63
CA THR B 297 14.62 -17.68 -12.86
C THR B 297 14.27 -17.66 -11.38
N LEU B 298 15.04 -18.41 -10.59
CA LEU B 298 14.83 -18.46 -9.14
C LEU B 298 16.02 -17.84 -8.43
N PRO B 299 15.84 -16.84 -7.56
CA PRO B 299 16.97 -16.42 -6.72
C PRO B 299 17.26 -17.47 -5.66
N TYR B 300 18.53 -17.60 -5.30
CA TYR B 300 18.91 -18.70 -4.44
C TYR B 300 20.16 -18.34 -3.65
N GLY B 301 20.07 -18.45 -2.33
CA GLY B 301 21.23 -18.27 -1.45
C GLY B 301 21.74 -19.61 -0.96
N ILE B 302 23.06 -19.72 -0.87
CA ILE B 302 23.74 -20.94 -0.46
C ILE B 302 24.13 -20.80 1.01
N ARG B 303 23.60 -21.68 1.85
CA ARG B 303 23.93 -21.66 3.27
C ARG B 303 23.53 -22.99 3.87
N SER B 304 24.14 -23.32 5.01
CA SER B 304 23.84 -24.54 5.76
C SER B 304 23.18 -24.20 7.10
N VAL B 305 22.33 -25.11 7.55
CA VAL B 305 21.66 -25.02 8.84
C VAL B 305 21.77 -26.37 9.53
N ALA B 306 22.17 -26.37 10.79
CA ALA B 306 22.25 -27.61 11.55
C ALA B 306 22.16 -27.29 13.04
N VAL B 307 21.48 -28.14 13.79
CA VAL B 307 21.55 -28.10 15.26
C VAL B 307 22.58 -29.13 15.69
N LYS B 308 23.51 -28.71 16.55
CA LYS B 308 24.56 -29.60 17.05
C LYS B 308 24.75 -29.30 18.53
N GLY B 309 24.42 -30.26 19.39
CA GLY B 309 24.50 -29.99 20.81
C GLY B 309 23.52 -28.89 21.17
N ASN B 310 23.99 -27.89 21.93
CA ASN B 310 23.14 -26.76 22.27
C ASN B 310 23.36 -25.57 21.33
N LYS B 311 23.86 -25.81 20.12
CA LYS B 311 24.18 -24.76 19.16
C LYS B 311 23.24 -24.80 17.96
N PHE B 312 22.85 -23.62 17.49
CA PHE B 312 22.11 -23.46 16.23
C PHE B 312 23.10 -22.91 15.20
N LEU B 313 23.53 -23.77 14.28
CA LEU B 313 24.64 -23.46 13.40
C LEU B 313 24.12 -23.00 12.04
N ILE B 314 24.44 -21.76 11.68
CA ILE B 314 24.24 -21.28 10.31
C ILE B 314 25.63 -21.14 9.69
N ASN B 315 25.85 -21.84 8.58
CA ASN B 315 27.18 -21.95 7.98
C ASN B 315 28.23 -22.37 9.01
N ASN B 316 27.86 -23.32 9.87
CA ASN B 316 28.73 -23.95 10.86
C ASN B 316 29.20 -22.98 11.93
N LYS B 317 28.45 -21.91 12.18
CA LYS B 317 28.78 -20.93 13.21
C LYS B 317 27.59 -20.76 14.16
N PRO B 318 27.85 -20.58 15.46
CA PRO B 318 26.78 -20.55 16.46
C PRO B 318 26.02 -19.24 16.47
N PHE B 319 24.81 -19.27 15.92
CA PHE B 319 23.95 -18.12 15.75
C PHE B 319 23.26 -17.75 17.06
N TYR B 320 23.01 -16.45 17.25
CA TYR B 320 22.16 -15.96 18.32
C TYR B 320 21.02 -15.18 17.67
N PHE B 321 19.79 -15.68 17.79
CA PHE B 321 18.65 -14.97 17.22
C PHE B 321 18.41 -13.66 17.98
N LYS B 322 18.25 -12.57 17.24
CA LYS B 322 17.84 -11.28 17.81
C LYS B 322 16.68 -10.78 16.95
N GLY B 323 15.51 -10.65 17.54
CA GLY B 323 14.38 -10.18 16.75
C GLY B 323 13.02 -10.23 17.42
N TYR B 324 12.03 -10.75 16.69
CA TYR B 324 10.64 -10.54 17.08
C TYR B 324 9.76 -11.63 16.52
N GLY B 325 8.63 -11.86 17.19
CA GLY B 325 7.45 -12.32 16.50
C GLY B 325 6.80 -11.11 15.84
N LYS B 326 6.40 -11.25 14.59
CA LYS B 326 5.72 -10.18 13.88
C LYS B 326 4.24 -10.51 13.71
N HIS B 327 3.53 -9.58 13.08
CA HIS B 327 2.26 -9.85 12.43
C HIS B 327 2.30 -9.16 11.08
N GLU B 328 1.50 -9.66 10.14
CA GLU B 328 1.18 -8.86 8.96
C GLU B 328 -0.01 -8.00 9.37
N ASP B 329 0.27 -6.74 9.70
CA ASP B 329 -0.74 -5.88 10.28
C ASP B 329 -0.32 -4.45 10.02
N THR B 330 -1.12 -3.72 9.22
CA THR B 330 -0.95 -2.28 9.02
C THR B 330 -2.34 -1.68 8.87
N PHE B 331 -2.42 -0.35 9.00
CA PHE B 331 -3.67 0.37 8.80
C PHE B 331 -3.66 1.09 7.46
N PRO B 332 -4.74 1.00 6.66
CA PRO B 332 -6.03 0.37 6.94
C PRO B 332 -6.24 -1.01 6.31
N ALA B 333 -5.20 -1.58 5.68
CA ALA B 333 -5.37 -2.82 4.94
C ALA B 333 -5.44 -4.05 5.83
N GLY B 334 -5.21 -3.93 7.13
CA GLY B 334 -5.26 -5.09 8.01
C GLY B 334 -4.12 -6.05 7.72
N ARG B 335 -4.46 -7.26 7.28
CA ARG B 335 -3.49 -8.28 6.92
C ARG B 335 -2.97 -8.13 5.48
N GLY B 336 -3.49 -7.15 4.73
CA GLY B 336 -3.20 -7.09 3.30
C GLY B 336 -1.76 -6.73 3.00
N LEU B 337 -1.27 -7.28 1.89
CA LEU B 337 0.11 -7.02 1.46
C LEU B 337 0.38 -5.52 1.37
N ASN B 338 1.43 -5.08 2.05
CA ASN B 338 1.77 -3.66 2.10
C ASN B 338 3.27 -3.59 1.81
N MET B 339 3.64 -3.38 0.54
CA MET B 339 5.05 -3.50 0.23
C MET B 339 5.90 -2.35 0.77
N PRO B 340 5.44 -1.10 0.75
CA PRO B 340 6.24 -0.06 1.43
C PRO B 340 6.48 -0.36 2.90
N MET B 341 5.47 -0.88 3.62
CA MET B 341 5.71 -1.14 5.03
C MET B 341 6.64 -2.32 5.22
N ASN B 342 6.59 -3.33 4.34
CA ASN B 342 7.55 -4.43 4.45
C ASN B 342 8.97 -3.92 4.37
N ALA B 343 9.22 -2.99 3.45
CA ALA B 343 10.56 -2.43 3.31
C ALA B 343 10.91 -1.55 4.51
N LYS B 344 9.95 -0.74 4.98
CA LYS B 344 10.16 0.01 6.22
C LYS B 344 10.51 -0.91 7.37
N ASP B 345 9.77 -2.02 7.52
CA ASP B 345 9.97 -2.89 8.67
C ASP B 345 11.38 -3.51 8.66
N ILE B 346 11.83 -3.98 7.50
CA ILE B 346 13.18 -4.52 7.40
CA ILE B 346 13.18 -4.53 7.40
C ILE B 346 14.21 -3.43 7.70
N SER B 347 13.97 -2.21 7.23
CA SER B 347 14.90 -1.12 7.52
C SER B 347 14.99 -0.88 9.03
N LEU B 348 13.84 -0.90 9.72
CA LEU B 348 13.86 -0.72 11.18
C LEU B 348 14.57 -1.87 11.87
N MET B 349 14.42 -3.08 11.36
CA MET B 349 15.12 -4.22 11.94
C MET B 349 16.62 -4.01 11.86
N LYS B 350 17.12 -3.56 10.70
CA LYS B 350 18.55 -3.32 10.56
C LYS B 350 18.99 -2.14 11.43
N TRP B 351 18.15 -1.10 11.51
CA TRP B 351 18.43 0.03 12.40
C TRP B 351 18.57 -0.44 13.84
N GLN B 352 17.74 -1.41 14.26
CA GLN B 352 17.72 -1.85 15.64
C GLN B 352 18.78 -2.90 15.96
N GLY B 353 19.40 -3.50 14.95
CA GLY B 353 20.36 -4.57 15.19
C GLY B 353 19.76 -5.96 15.28
N ALA B 354 18.52 -6.16 14.82
CA ALA B 354 17.90 -7.47 14.79
C ALA B 354 18.43 -8.27 13.60
N ASN B 355 18.31 -9.59 13.69
CA ASN B 355 18.72 -10.44 12.58
C ASN B 355 17.63 -11.41 12.13
N SER B 356 16.44 -11.40 12.74
CA SER B 356 15.51 -12.51 12.53
C SER B 356 14.10 -12.14 12.96
N PHE B 357 13.12 -12.89 12.46
CA PHE B 357 11.78 -12.84 13.03
C PHE B 357 11.07 -14.16 12.75
N ARG B 358 9.93 -14.35 13.41
CA ARG B 358 9.06 -15.51 13.20
C ARG B 358 7.78 -15.04 12.52
N THR B 359 7.27 -15.82 11.56
CA THR B 359 6.01 -15.48 10.89
C THR B 359 4.81 -15.90 11.75
N SER B 360 4.73 -15.32 12.94
CA SER B 360 3.55 -15.53 13.77
C SER B 360 2.33 -14.85 13.13
N HIS B 361 1.20 -15.56 13.04
CA HIS B 361 1.02 -16.99 13.27
C HIS B 361 0.44 -17.65 12.02
N TYR B 362 1.09 -17.43 10.88
CA TYR B 362 0.62 -17.85 9.56
C TYR B 362 1.74 -17.56 8.58
N PRO B 363 1.85 -18.28 7.47
CA PRO B 363 2.82 -17.91 6.43
C PRO B 363 2.61 -16.47 5.98
N TYR B 364 3.72 -15.75 5.80
CA TYR B 364 3.65 -14.38 5.31
C TYR B 364 3.68 -14.37 3.78
N SER B 365 3.53 -13.17 3.19
CA SER B 365 3.52 -13.05 1.74
C SER B 365 4.83 -13.50 1.14
N GLU B 366 4.76 -14.02 -0.08
CA GLU B 366 5.98 -14.33 -0.84
C GLU B 366 6.83 -13.10 -1.03
N GLU B 367 6.20 -11.93 -1.20
CA GLU B 367 6.95 -10.70 -1.39
C GLU B 367 7.82 -10.40 -0.17
N MET B 368 7.28 -10.62 1.04
CA MET B 368 8.12 -10.43 2.22
C MET B 368 9.24 -11.48 2.26
N MET B 369 8.91 -12.74 1.96
CA MET B 369 9.91 -13.80 2.07
C MET B 369 11.04 -13.59 1.08
N ARG B 370 10.71 -13.19 -0.16
CA ARG B 370 11.76 -12.93 -1.13
C ARG B 370 12.58 -11.71 -0.74
N LEU B 371 11.94 -10.71 -0.10
CA LEU B 371 12.69 -9.55 0.36
C LEU B 371 13.64 -9.91 1.50
N CYS B 372 13.24 -10.84 2.38
CA CYS B 372 14.13 -11.27 3.45
C CYS B 372 15.35 -12.00 2.90
N ASP B 373 15.16 -12.82 1.86
CA ASP B 373 16.30 -13.42 1.14
C ASP B 373 17.24 -12.33 0.62
N GLU B 374 16.68 -11.27 0.05
CA GLU B 374 17.51 -10.22 -0.54
C GLU B 374 18.22 -9.40 0.52
N GLU B 375 17.64 -9.28 1.73
CA GLU B 375 18.16 -8.38 2.74
C GLU B 375 18.95 -9.10 3.84
N GLY B 376 18.91 -10.43 3.89
CA GLY B 376 19.65 -11.17 4.88
C GLY B 376 18.99 -11.29 6.24
N ILE B 377 17.66 -11.31 6.28
CA ILE B 377 16.91 -11.47 7.52
C ILE B 377 16.53 -12.94 7.67
N VAL B 378 16.86 -13.53 8.82
CA VAL B 378 16.56 -14.94 9.10
C VAL B 378 15.11 -15.08 9.54
N VAL B 379 14.47 -16.18 9.11
CA VAL B 379 13.04 -16.38 9.32
C VAL B 379 12.77 -17.75 9.95
N ILE B 380 11.95 -17.75 11.01
CA ILE B 380 11.31 -18.96 11.51
C ILE B 380 9.93 -19.00 10.86
N ASP B 381 9.71 -19.99 9.99
CA ASP B 381 8.51 -20.05 9.15
C ASP B 381 7.43 -20.88 9.84
N GLU B 382 6.30 -20.27 10.15
CA GLU B 382 5.33 -20.91 11.02
C GLU B 382 4.04 -21.18 10.27
N THR B 383 3.39 -22.30 10.62
CA THR B 383 2.10 -22.67 10.04
C THR B 383 0.99 -21.76 10.59
N THR B 384 -0.23 -22.00 10.10
CA THR B 384 -1.42 -21.34 10.59
C THR B 384 -1.98 -21.96 11.87
N ALA B 385 -1.29 -22.94 12.46
CA ALA B 385 -1.86 -23.74 13.53
C ALA B 385 -1.72 -23.05 14.89
N VAL B 386 -2.51 -22.01 15.07
CA VAL B 386 -2.71 -21.36 16.37
C VAL B 386 -4.15 -21.59 16.80
N GLY B 387 -4.34 -21.79 18.11
CA GLY B 387 -5.64 -22.08 18.67
C GLY B 387 -5.94 -23.55 18.86
N VAL B 388 -4.97 -24.43 18.66
CA VAL B 388 -5.21 -25.87 18.79
C VAL B 388 -5.18 -26.23 20.27
N HIS B 389 -6.24 -25.84 20.97
CA HIS B 389 -6.27 -25.85 22.42
C HIS B 389 -7.70 -25.63 22.90
N LEU B 390 -8.33 -26.68 23.45
CA LEU B 390 -9.72 -26.60 23.89
C LEU B 390 -9.86 -26.49 25.41
N ASN B 391 -8.76 -26.30 26.15
CA ASN B 391 -8.87 -26.26 27.61
C ASN B 391 -7.99 -25.17 28.18
N PHE B 392 -7.99 -24.00 27.55
CA PHE B 392 -7.22 -22.89 28.07
C PHE B 392 -8.00 -22.11 29.13
N VAL B 404 -13.90 -32.52 28.01
CA VAL B 404 -13.37 -32.89 26.70
C VAL B 404 -11.93 -32.39 26.52
N ASN B 405 -11.04 -33.30 26.14
CA ASN B 405 -9.64 -32.97 25.91
C ASN B 405 -9.41 -32.52 24.47
N THR B 406 -8.42 -31.63 24.30
CA THR B 406 -8.11 -31.09 22.99
C THR B 406 -7.87 -32.18 21.96
N PHE B 407 -7.10 -33.19 22.33
CA PHE B 407 -6.65 -34.22 21.42
C PHE B 407 -7.35 -35.56 21.66
N ASP B 408 -8.55 -35.51 22.23
CA ASP B 408 -9.45 -36.65 22.21
C ASP B 408 -9.78 -37.02 20.77
N PRO B 409 -10.21 -38.26 20.53
CA PRO B 409 -10.70 -38.61 19.19
C PRO B 409 -11.78 -37.64 18.74
N ILE B 410 -11.83 -37.40 17.42
CA ILE B 410 -12.83 -36.49 16.87
C ILE B 410 -14.23 -36.91 17.29
N GLU B 411 -14.45 -38.23 17.39
CA GLU B 411 -15.76 -38.72 17.80
C GLU B 411 -16.15 -38.21 19.17
N GLN B 412 -15.19 -38.17 20.11
CA GLN B 412 -15.44 -37.71 21.46
C GLN B 412 -15.35 -36.18 21.61
N GLY B 413 -15.21 -35.44 20.51
CA GLY B 413 -15.19 -33.99 20.56
C GLY B 413 -13.84 -33.34 20.46
N GLY B 414 -12.79 -34.10 20.15
CA GLY B 414 -11.47 -33.51 20.01
C GLY B 414 -11.37 -32.58 18.82
N ILE B 415 -10.26 -31.83 18.79
CA ILE B 415 -10.00 -30.90 17.70
C ILE B 415 -9.97 -31.66 16.37
N ARG B 416 -10.45 -31.00 15.32
CA ARG B 416 -10.67 -31.64 14.02
C ARG B 416 -9.71 -31.11 12.96
N THR B 417 -8.52 -30.68 13.38
CA THR B 417 -7.61 -29.94 12.51
C THR B 417 -6.48 -30.76 11.91
N GLN B 418 -6.27 -32.02 12.33
CA GLN B 418 -5.01 -32.68 11.98
C GLN B 418 -4.88 -32.86 10.48
N SER B 419 -5.98 -33.20 9.79
CA SER B 419 -5.94 -33.41 8.35
C SER B 419 -5.52 -32.13 7.62
N HIS B 420 -6.18 -31.01 7.91
CA HIS B 420 -5.82 -29.74 7.30
C HIS B 420 -4.43 -29.30 7.75
N HIS B 421 -4.06 -29.58 9.00
CA HIS B 421 -2.72 -29.29 9.50
C HIS B 421 -1.65 -29.94 8.62
N LYS B 422 -1.88 -31.19 8.22
CA LYS B 422 -0.95 -31.86 7.32
C LYS B 422 -0.86 -31.14 5.98
N GLU B 423 -2.01 -30.73 5.42
CA GLU B 423 -2.02 -30.01 4.16
C GLU B 423 -1.28 -28.68 4.27
N VAL B 424 -1.45 -27.98 5.38
CA VAL B 424 -0.76 -26.70 5.54
C VAL B 424 0.74 -26.89 5.56
N ILE B 425 1.22 -27.90 6.28
CA ILE B 425 2.66 -28.19 6.32
C ILE B 425 3.16 -28.51 4.91
N LYS B 426 2.45 -29.37 4.18
CA LYS B 426 2.83 -29.69 2.80
C LYS B 426 2.94 -28.42 1.97
N ASP B 427 1.91 -27.58 2.03
CA ASP B 427 1.85 -26.41 1.14
C ASP B 427 2.86 -25.36 1.55
N LEU B 428 3.08 -25.18 2.86
CA LEU B 428 4.06 -24.20 3.32
C LEU B 428 5.46 -24.59 2.88
N ILE B 429 5.83 -25.86 3.06
CA ILE B 429 7.17 -26.30 2.68
C ILE B 429 7.31 -26.27 1.16
N ALA B 430 6.26 -26.66 0.43
CA ALA B 430 6.32 -26.59 -1.02
C ALA B 430 6.57 -25.15 -1.50
N ARG B 431 5.95 -24.16 -0.83
CA ARG B 431 6.13 -22.77 -1.25
C ARG B 431 7.50 -22.24 -0.89
N ASP B 432 8.00 -22.55 0.30
CA ASP B 432 9.12 -21.82 0.88
C ASP B 432 10.41 -22.62 0.95
N LYS B 433 10.44 -23.86 0.45
CA LYS B 433 11.59 -24.75 0.64
C LYS B 433 12.90 -24.16 0.15
N ASN B 434 12.87 -23.32 -0.90
CA ASN B 434 14.11 -22.84 -1.49
C ASN B 434 14.65 -21.56 -0.84
N HIS B 435 14.00 -21.03 0.19
CA HIS B 435 14.46 -19.78 0.80
C HIS B 435 15.65 -20.02 1.73
N ALA B 436 16.78 -19.39 1.42
CA ALA B 436 17.90 -19.37 2.36
C ALA B 436 17.49 -18.77 3.69
N CYS B 437 16.56 -17.80 3.68
CA CYS B 437 16.25 -17.10 4.92
C CYS B 437 15.51 -17.99 5.91
N VAL B 438 14.78 -19.01 5.42
CA VAL B 438 14.05 -19.92 6.29
C VAL B 438 15.01 -20.93 6.90
N VAL B 439 15.17 -20.88 8.23
CA VAL B 439 16.09 -21.78 8.92
C VAL B 439 15.38 -22.78 9.82
N MET B 440 14.09 -22.63 10.09
CA MET B 440 13.43 -23.55 11.01
C MET B 440 11.93 -23.46 10.76
N TRP B 441 11.23 -24.58 10.89
CA TRP B 441 9.78 -24.65 10.75
C TRP B 441 9.14 -24.67 12.13
N SER B 442 8.12 -23.83 12.33
CA SER B 442 7.32 -23.87 13.54
C SER B 442 5.99 -24.55 13.23
N ILE B 443 5.76 -25.70 13.86
CA ILE B 443 4.62 -26.55 13.49
C ILE B 443 3.31 -26.00 14.04
N ALA B 444 3.34 -25.28 15.15
CA ALA B 444 2.12 -24.77 15.79
C ALA B 444 2.54 -23.74 16.81
N ASN B 445 1.61 -22.84 17.15
CA ASN B 445 1.84 -21.84 18.19
C ASN B 445 0.85 -22.05 19.34
N GLU B 446 1.39 -22.32 20.55
CA GLU B 446 0.61 -22.35 21.79
C GLU B 446 -0.52 -23.38 21.74
N ALA B 447 -0.22 -24.55 21.19
CA ALA B 447 -1.15 -25.67 21.26
C ALA B 447 -1.16 -26.26 22.68
N ASP B 448 -2.09 -27.19 22.93
CA ASP B 448 -2.25 -27.81 24.25
C ASP B 448 -1.25 -28.95 24.45
N THR B 449 0.04 -28.62 24.37
CA THR B 449 1.06 -29.64 24.25
C THR B 449 1.41 -30.32 25.58
N GLY B 450 0.87 -29.84 26.70
CA GLY B 450 1.05 -30.49 27.98
C GLY B 450 -0.04 -31.47 28.36
N SER B 451 -0.99 -31.74 27.46
CA SER B 451 -2.12 -32.61 27.75
C SER B 451 -2.00 -33.93 27.00
N LYS B 452 -2.82 -34.90 27.44
CA LYS B 452 -2.79 -36.24 26.87
C LYS B 452 -3.21 -36.24 25.41
N GLY B 453 -2.51 -37.02 24.60
CA GLY B 453 -2.78 -37.08 23.18
C GLY B 453 -2.01 -36.09 22.34
N ALA B 454 -1.34 -35.11 22.95
CA ALA B 454 -0.65 -34.09 22.18
C ALA B 454 0.50 -34.69 21.37
N TYR B 455 1.29 -35.56 21.99
CA TYR B 455 2.36 -36.21 21.25
C TYR B 455 1.81 -36.99 20.07
N GLU B 456 0.70 -37.70 20.28
CA GLU B 456 0.10 -38.49 19.21
C GLU B 456 -0.41 -37.62 18.08
N TYR B 457 -0.92 -36.42 18.41
CA TYR B 457 -1.32 -35.48 17.37
C TYR B 457 -0.12 -34.94 16.60
N PHE B 458 0.97 -34.59 17.30
CA PHE B 458 2.04 -33.84 16.66
C PHE B 458 3.11 -34.72 16.00
N LYS B 459 3.36 -35.92 16.50
CA LYS B 459 4.43 -36.75 15.92
C LYS B 459 4.28 -36.95 14.42
N PRO B 460 3.09 -37.27 13.88
CA PRO B 460 2.97 -37.37 12.42
C PRO B 460 3.26 -36.06 11.70
N LEU B 461 2.99 -34.92 12.33
CA LEU B 461 3.23 -33.63 11.69
C LEU B 461 4.71 -33.30 11.64
N PHE B 462 5.44 -33.60 12.72
CA PHE B 462 6.89 -33.42 12.71
C PHE B 462 7.53 -34.37 11.70
N ASP B 463 7.11 -35.63 11.69
CA ASP B 463 7.59 -36.59 10.69
C ASP B 463 7.35 -36.08 9.28
N LEU B 464 6.17 -35.50 9.03
CA LEU B 464 5.86 -34.97 7.70
C LEU B 464 6.80 -33.85 7.31
N ALA B 465 7.03 -32.90 8.23
CA ALA B 465 7.89 -31.76 7.91
C ALA B 465 9.31 -32.22 7.60
N ARG B 466 9.83 -33.18 8.38
CA ARG B 466 11.16 -33.71 8.13
C ARG B 466 11.21 -34.48 6.82
N GLU B 467 10.14 -35.20 6.49
CA GLU B 467 10.09 -35.92 5.23
C GLU B 467 10.07 -34.96 4.03
N LEU B 468 9.29 -33.89 4.10
CA LEU B 468 9.05 -33.09 2.90
C LEU B 468 10.08 -31.99 2.68
N ASP B 469 10.71 -31.48 3.74
CA ASP B 469 11.71 -30.46 3.55
C ASP B 469 12.97 -31.09 2.97
N PRO B 470 13.36 -30.76 1.73
CA PRO B 470 14.58 -31.35 1.17
C PRO B 470 15.82 -31.03 1.98
N GLN B 471 15.83 -29.90 2.67
CA GLN B 471 17.00 -29.48 3.44
C GLN B 471 17.02 -30.00 4.86
N LYS B 472 15.96 -30.67 5.30
CA LYS B 472 15.90 -31.29 6.62
C LYS B 472 16.21 -30.28 7.72
N ARG B 473 15.62 -29.09 7.62
CA ARG B 473 15.87 -28.04 8.58
C ARG B 473 15.26 -28.40 9.95
N PRO B 474 15.72 -27.74 11.01
CA PRO B 474 15.14 -27.96 12.33
C PRO B 474 13.65 -27.69 12.36
N CYS B 475 12.95 -28.43 13.22
CA CYS B 475 11.53 -28.24 13.46
C CYS B 475 11.30 -27.96 14.93
N THR B 476 10.29 -27.14 15.20
CA THR B 476 9.93 -26.80 16.57
C THR B 476 8.42 -26.62 16.61
N LEU B 477 7.88 -26.58 17.82
CA LEU B 477 6.59 -25.96 18.06
C LEU B 477 6.81 -24.87 19.11
N VAL B 478 5.94 -23.87 19.09
CA VAL B 478 6.11 -22.72 19.98
C VAL B 478 5.26 -22.96 21.22
N SER B 479 5.94 -23.04 22.37
CA SER B 479 5.37 -23.58 23.61
C SER B 479 4.62 -22.52 24.40
N LEU B 480 3.35 -22.80 24.69
CA LEU B 480 2.56 -22.00 25.61
C LEU B 480 3.11 -22.09 27.04
N GLN B 481 2.98 -20.99 27.78
CA GLN B 481 3.38 -21.01 29.18
C GLN B 481 2.41 -21.88 29.97
N MET B 482 2.95 -22.78 30.79
CA MET B 482 2.09 -23.75 31.46
C MET B 482 2.74 -24.18 32.76
N VAL B 483 1.91 -24.49 33.76
CA VAL B 483 2.42 -24.85 35.07
C VAL B 483 3.22 -26.15 35.00
N ASN B 484 2.75 -27.11 34.20
CA ASN B 484 3.39 -28.41 34.03
C ASN B 484 4.36 -28.41 32.84
N TYR B 485 5.30 -27.45 32.82
CA TYR B 485 6.10 -27.28 31.62
C TYR B 485 6.99 -28.48 31.34
N LYS B 486 7.34 -29.26 32.36
CA LYS B 486 8.14 -30.45 32.07
C LYS B 486 7.34 -31.51 31.32
N GLU B 487 6.02 -31.36 31.19
CA GLU B 487 5.20 -32.30 30.44
C GLU B 487 4.92 -31.84 29.02
N ASP B 488 5.46 -30.70 28.61
CA ASP B 488 5.35 -30.24 27.22
C ASP B 488 5.94 -31.27 26.26
N CYS B 489 5.11 -31.80 25.36
CA CYS B 489 5.58 -32.78 24.39
C CYS B 489 6.60 -32.21 23.42
N THR B 490 6.83 -30.89 23.42
CA THR B 490 7.93 -30.34 22.64
C THR B 490 9.25 -31.05 22.97
N ILE B 491 9.41 -31.46 24.22
CA ILE B 491 10.67 -32.08 24.67
C ILE B 491 10.94 -33.36 23.87
N LYS B 492 9.89 -34.05 23.47
CA LYS B 492 10.02 -35.30 22.72
C LYS B 492 10.11 -35.10 21.21
N LEU B 493 9.87 -33.89 20.70
CA LEU B 493 9.70 -33.70 19.26
C LEU B 493 10.63 -32.68 18.63
N SER B 494 10.93 -31.58 19.32
CA SER B 494 11.55 -30.42 18.69
C SER B 494 13.07 -30.46 18.71
N ASP B 495 13.67 -29.86 17.69
CA ASP B 495 15.11 -29.69 17.63
C ASP B 495 15.57 -28.50 18.47
N VAL B 496 14.72 -27.49 18.58
CA VAL B 496 14.93 -26.29 19.37
C VAL B 496 13.67 -26.08 20.20
N PHE B 497 13.84 -25.75 21.48
CA PHE B 497 12.69 -25.47 22.33
C PHE B 497 12.40 -23.97 22.24
N CYS B 498 11.19 -23.63 21.81
CA CYS B 498 10.81 -22.24 21.55
C CYS B 498 9.72 -21.88 22.53
N LEU B 499 10.04 -21.00 23.49
CA LEU B 499 9.18 -20.75 24.63
C LEU B 499 8.55 -19.36 24.52
N ASN B 500 7.25 -19.29 24.79
CA ASN B 500 6.54 -18.04 25.00
C ASN B 500 6.38 -17.87 26.50
N ARG B 501 7.00 -16.83 27.06
CA ARG B 501 7.01 -16.68 28.51
C ARG B 501 6.83 -15.21 28.85
N TYR B 502 6.01 -14.95 29.86
CA TYR B 502 5.63 -13.60 30.26
C TYR B 502 5.84 -13.40 31.75
N TYR B 503 7.06 -13.68 32.20
CA TYR B 503 7.47 -13.43 33.58
C TYR B 503 7.59 -11.94 33.80
N GLY B 504 6.67 -11.36 34.58
CA GLY B 504 6.60 -9.93 34.78
C GLY B 504 5.43 -9.28 34.05
N TRP B 505 4.63 -10.05 33.33
CA TRP B 505 3.42 -9.52 32.72
C TRP B 505 2.19 -10.34 33.10
N TYR B 506 2.03 -11.54 32.53
CA TYR B 506 0.86 -12.36 32.88
C TYR B 506 1.02 -13.06 34.21
N THR B 507 2.23 -13.06 34.75
CA THR B 507 2.48 -13.47 36.12
C THR B 507 3.54 -12.53 36.66
N CYS B 508 3.52 -12.27 37.96
CA CYS B 508 4.48 -11.38 38.62
C CYS B 508 4.36 -9.96 38.10
N GLY B 509 3.18 -9.55 37.65
CA GLY B 509 3.04 -8.19 37.16
C GLY B 509 3.33 -7.19 38.25
N ALA B 510 4.21 -6.21 37.97
CA ALA B 510 4.67 -5.19 38.92
C ALA B 510 5.44 -5.80 40.09
N ASP B 511 6.00 -7.02 39.93
CA ASP B 511 6.89 -7.63 40.94
C ASP B 511 8.04 -8.29 40.16
N LEU B 512 8.93 -7.45 39.62
CA LEU B 512 9.97 -7.98 38.73
C LEU B 512 11.02 -8.77 39.50
N GLN B 513 11.18 -8.53 40.80
CA GLN B 513 12.05 -9.41 41.57
C GLN B 513 11.49 -10.83 41.61
N ALA B 514 10.17 -10.96 41.79
CA ALA B 514 9.56 -12.30 41.75
C ALA B 514 9.61 -12.85 40.34
N ALA B 515 9.46 -11.99 39.33
CA ALA B 515 9.57 -12.46 37.94
C ALA B 515 10.95 -13.04 37.68
N GLU B 516 12.00 -12.40 38.18
CA GLU B 516 13.35 -12.89 37.93
C GLU B 516 13.54 -14.26 38.56
N LYS B 517 13.06 -14.45 39.80
CA LYS B 517 13.21 -15.73 40.48
C LYS B 517 12.42 -16.82 39.79
N MET B 518 11.18 -16.53 39.38
CA MET B 518 10.37 -17.54 38.71
C MET B 518 10.93 -17.88 37.32
N CYS B 519 11.40 -16.86 36.59
CA CYS B 519 12.09 -17.07 35.33
C CYS B 519 13.28 -18.01 35.50
N ARG B 520 14.16 -17.70 36.46
CA ARG B 520 15.37 -18.52 36.60
C ARG B 520 15.03 -19.95 36.95
N GLU B 521 14.03 -20.16 37.81
CA GLU B 521 13.71 -21.52 38.21
C GLU B 521 13.28 -22.37 37.02
N GLU B 522 12.42 -21.83 36.16
CA GLU B 522 11.98 -22.62 35.01
C GLU B 522 13.07 -22.73 33.96
N LEU B 523 13.76 -21.62 33.65
CA LEU B 523 14.68 -21.69 32.53
C LEU B 523 15.92 -22.51 32.86
N GLU B 524 16.25 -22.67 34.15
CA GLU B 524 17.34 -23.58 34.48
C GLU B 524 16.98 -25.03 34.18
N PHE B 525 15.69 -25.39 34.25
CA PHE B 525 15.26 -26.70 33.79
C PHE B 525 15.54 -26.87 32.30
N TRP B 526 15.04 -25.94 31.47
CA TRP B 526 15.27 -26.05 30.04
C TRP B 526 16.76 -26.05 29.72
N ASN B 527 17.54 -25.24 30.44
CA ASN B 527 18.97 -25.18 30.19
C ASN B 527 19.65 -26.51 30.54
N SER B 528 19.06 -27.28 31.47
CA SER B 528 19.64 -28.55 31.86
C SER B 528 19.47 -29.64 30.82
N LEU B 529 18.60 -29.45 29.82
CA LEU B 529 18.37 -30.47 28.82
C LEU B 529 19.44 -30.51 27.74
N GLY B 530 20.30 -29.49 27.67
CA GLY B 530 21.45 -29.52 26.78
C GLY B 530 21.16 -29.21 25.33
N LYS B 531 19.93 -28.86 24.99
CA LYS B 531 19.54 -28.57 23.63
C LYS B 531 19.33 -27.08 23.47
N PRO B 532 19.37 -26.55 22.25
CA PRO B 532 19.14 -25.11 22.09
C PRO B 532 17.70 -24.78 22.46
N PHE B 533 17.52 -23.65 23.16
CA PHE B 533 16.20 -23.12 23.42
C PHE B 533 16.25 -21.59 23.33
N MET B 534 15.09 -20.98 23.21
CA MET B 534 15.02 -19.55 22.99
C MET B 534 13.65 -19.03 23.40
N TYR B 535 13.58 -17.71 23.56
CA TYR B 535 12.29 -17.02 23.64
C TYR B 535 11.79 -16.74 22.23
N THR B 536 10.57 -17.18 21.94
CA THR B 536 9.87 -16.70 20.75
C THR B 536 8.82 -15.64 21.09
N GLU B 537 8.48 -15.48 22.36
CA GLU B 537 7.62 -14.40 22.82
C GLU B 537 8.00 -14.05 24.24
N TYR B 538 8.09 -12.75 24.52
CA TYR B 538 8.16 -12.20 25.87
C TYR B 538 7.96 -10.69 25.72
N GLY B 539 7.15 -10.11 26.60
CA GLY B 539 6.88 -8.68 26.45
C GLY B 539 5.85 -8.21 27.46
N ALA B 540 5.52 -6.92 27.35
CA ALA B 540 4.65 -6.24 28.30
C ALA B 540 3.85 -5.20 27.54
N ASP B 541 2.53 -5.15 27.75
CA ASP B 541 1.74 -4.13 27.04
C ASP B 541 2.20 -2.75 27.48
N THR B 542 2.32 -1.86 26.50
CA THR B 542 2.94 -0.57 26.69
C THR B 542 2.24 0.43 25.77
N VAL B 543 1.58 1.42 26.37
CA VAL B 543 0.93 2.47 25.60
C VAL B 543 1.93 3.60 25.44
N MET B 544 2.30 3.91 24.18
N MET B 544 2.28 3.91 24.19
CA MET B 544 3.22 5.02 23.96
CA MET B 544 3.18 5.04 23.92
C MET B 544 2.68 6.27 24.62
C MET B 544 2.66 6.30 24.60
N GLY B 545 3.55 6.97 25.35
CA GLY B 545 3.19 8.17 26.05
C GLY B 545 2.83 7.98 27.51
N LEU B 546 2.67 6.75 27.99
CA LEU B 546 2.50 6.51 29.43
C LEU B 546 3.86 6.29 30.07
N HIS B 547 4.11 6.98 31.19
CA HIS B 547 5.43 6.97 31.83
C HIS B 547 5.31 6.94 33.35
N ASP B 548 6.31 6.33 33.98
CA ASP B 548 6.49 6.41 35.42
C ASP B 548 7.92 6.00 35.74
N THR B 549 8.59 6.76 36.62
CA THR B 549 9.90 6.34 37.11
C THR B 549 9.83 5.08 37.96
N THR B 550 8.66 4.80 38.52
CA THR B 550 8.48 3.73 39.50
C THR B 550 7.63 2.64 38.86
N ASP B 551 8.12 1.39 38.90
CA ASP B 551 7.58 0.28 38.10
C ASP B 551 6.05 0.30 38.06
N SER B 552 5.51 0.47 36.85
N SER B 552 5.51 0.45 36.85
CA SER B 552 4.06 0.61 36.68
CA SER B 552 4.07 0.61 36.65
C SER B 552 3.68 -0.01 35.34
C SER B 552 3.70 -0.03 35.32
N MET B 553 2.86 -1.05 35.40
CA MET B 553 2.36 -1.72 34.19
C MET B 553 1.76 -0.73 33.19
N PHE B 554 2.04 -0.97 31.91
CA PHE B 554 1.58 -0.26 30.71
C PHE B 554 2.45 0.98 30.39
N THR B 555 3.43 1.31 31.24
CA THR B 555 4.30 2.44 30.94
C THR B 555 5.51 2.02 30.13
N GLU B 556 6.11 2.99 29.45
CA GLU B 556 7.27 2.73 28.61
C GLU B 556 8.45 2.29 29.45
N GLU B 557 8.59 2.83 30.66
CA GLU B 557 9.70 2.43 31.52
C GLU B 557 9.55 0.98 31.97
N TYR B 558 8.32 0.56 32.28
CA TYR B 558 8.14 -0.81 32.74
C TYR B 558 8.49 -1.80 31.64
N GLN B 559 8.18 -1.46 30.39
CA GLN B 559 8.57 -2.33 29.28
C GLN B 559 10.08 -2.59 29.30
N VAL B 560 10.87 -1.54 29.49
CA VAL B 560 12.32 -1.69 29.55
C VAL B 560 12.73 -2.55 30.75
N GLU B 561 12.18 -2.25 31.94
CA GLU B 561 12.56 -3.01 33.13
C GLU B 561 12.17 -4.48 33.00
N TYR B 562 10.99 -4.75 32.42
CA TYR B 562 10.60 -6.13 32.14
C TYR B 562 11.67 -6.84 31.35
N TYR B 563 12.17 -6.21 30.28
CA TYR B 563 13.16 -6.85 29.43
C TYR B 563 14.51 -6.98 30.15
N LYS B 564 14.93 -5.94 30.87
CA LYS B 564 16.17 -6.03 31.65
C LYS B 564 16.13 -7.21 32.60
N THR B 565 14.99 -7.38 33.29
CA THR B 565 14.86 -8.46 34.27
C THR B 565 15.00 -9.82 33.61
N ASN B 566 14.34 -10.02 32.46
CA ASN B 566 14.43 -11.30 31.79
C ASN B 566 15.85 -11.58 31.31
N HIS B 567 16.54 -10.56 30.77
CA HIS B 567 17.87 -10.79 30.23
C HIS B 567 18.89 -11.06 31.33
N LYS B 568 18.63 -10.57 32.54
CA LYS B 568 19.49 -10.91 33.68
C LYS B 568 19.62 -12.42 33.81
N VAL B 569 18.53 -13.14 33.53
CA VAL B 569 18.52 -14.59 33.60
C VAL B 569 19.04 -15.20 32.30
N THR B 570 18.46 -14.81 31.15
CA THR B 570 18.80 -15.52 29.91
C THR B 570 20.27 -15.37 29.55
N ASP B 571 20.88 -14.23 29.85
CA ASP B 571 22.28 -14.04 29.50
C ASP B 571 23.22 -14.98 30.25
N THR B 572 22.77 -15.59 31.34
CA THR B 572 23.60 -16.52 32.10
C THR B 572 23.42 -17.97 31.70
N LEU B 573 22.53 -18.26 30.77
CA LEU B 573 22.18 -19.63 30.40
C LEU B 573 22.78 -19.96 29.05
N ASP B 574 23.68 -20.95 29.01
N ASP B 574 23.66 -20.98 29.05
CA ASP B 574 24.44 -21.17 27.78
CA ASP B 574 24.46 -21.33 27.88
C ASP B 574 23.65 -21.86 26.67
C ASP B 574 23.59 -21.77 26.71
N CYS B 575 22.55 -22.56 27.00
CA CYS B 575 21.73 -23.16 25.93
C CYS B 575 20.69 -22.20 25.38
N PHE B 576 20.54 -21.01 25.96
CA PHE B 576 19.59 -20.01 25.47
C PHE B 576 20.22 -19.28 24.29
N ILE B 577 19.75 -19.57 23.07
CA ILE B 577 20.42 -19.17 21.84
C ILE B 577 19.63 -18.13 21.05
N GLY B 578 18.63 -17.51 21.66
CA GLY B 578 17.93 -16.50 20.88
C GLY B 578 16.82 -15.80 21.64
N GLU B 579 16.56 -14.55 21.26
CA GLU B 579 15.53 -13.76 21.90
C GLU B 579 14.72 -13.07 20.82
N GLN B 580 13.44 -13.42 20.74
CA GLN B 580 12.51 -12.76 19.84
C GLN B 580 11.38 -12.23 20.68
N VAL B 581 11.21 -10.90 20.69
CA VAL B 581 10.20 -10.27 21.53
C VAL B 581 8.81 -10.51 20.95
N TRP B 582 7.82 -10.40 21.82
CA TRP B 582 6.44 -10.15 21.41
C TRP B 582 6.17 -8.70 21.76
N ASN B 583 5.98 -7.82 20.78
CA ASN B 583 5.88 -8.07 19.34
C ASN B 583 6.75 -7.00 18.65
N PHE B 584 7.03 -7.16 17.35
CA PHE B 584 7.64 -6.07 16.59
C PHE B 584 6.83 -4.77 16.74
N ALA B 585 5.52 -4.84 16.56
CA ALA B 585 4.69 -3.63 16.57
C ALA B 585 3.30 -3.94 17.11
N ASP B 586 2.67 -2.91 17.73
CA ASP B 586 1.28 -3.02 18.16
C ASP B 586 0.42 -3.47 16.98
N PHE B 587 -0.58 -4.30 17.28
CA PHE B 587 -1.43 -4.87 16.22
C PHE B 587 -2.86 -5.05 16.70
N ALA B 588 -3.79 -5.19 15.76
CA ALA B 588 -5.22 -5.26 16.13
C ALA B 588 -5.61 -6.64 16.64
N THR B 589 -6.56 -6.67 17.56
CA THR B 589 -7.05 -7.91 18.18
C THR B 589 -8.56 -7.84 18.34
N SER B 590 -9.13 -8.92 18.89
CA SER B 590 -10.52 -8.85 19.30
C SER B 590 -10.66 -7.86 20.47
N GLN B 591 -11.90 -7.52 20.79
N GLN B 591 -11.91 -7.50 20.78
CA GLN B 591 -12.16 -6.54 21.84
CA GLN B 591 -12.16 -6.53 21.83
C GLN B 591 -12.31 -7.21 23.20
C GLN B 591 -12.28 -7.22 23.19
N GLY B 592 -11.88 -6.51 24.23
CA GLY B 592 -12.01 -7.04 25.57
C GLY B 592 -11.28 -6.16 26.56
N LEU B 593 -11.46 -6.50 27.84
CA LEU B 593 -11.00 -5.65 28.93
C LEU B 593 -9.48 -5.59 29.08
N ILE B 594 -8.73 -6.51 28.49
CA ILE B 594 -7.29 -6.49 28.62
C ILE B 594 -6.60 -6.10 27.31
N ARG B 595 -7.36 -5.67 26.29
CA ARG B 595 -6.80 -5.26 25.01
C ARG B 595 -7.07 -3.76 24.82
N VAL B 596 -6.04 -2.95 25.04
CA VAL B 596 -6.17 -1.50 24.97
C VAL B 596 -6.08 -1.06 23.52
N GLN B 597 -7.19 -1.21 22.81
CA GLN B 597 -7.23 -1.03 21.35
C GLN B 597 -6.17 -1.91 20.67
N GLY B 598 -6.36 -3.20 20.83
CA GLY B 598 -5.42 -4.16 20.29
C GLY B 598 -4.34 -4.54 21.28
N ASN B 599 -3.34 -5.24 20.75
CA ASN B 599 -2.22 -5.70 21.55
C ASN B 599 -1.14 -4.63 21.54
N LYS B 600 -0.68 -4.22 22.73
CA LYS B 600 0.24 -3.11 22.86
C LYS B 600 1.66 -3.55 23.23
N LYS B 601 2.00 -4.82 22.97
CA LYS B 601 3.34 -5.28 23.33
C LYS B 601 4.39 -4.94 22.28
N GLY B 602 4.03 -4.20 21.22
CA GLY B 602 5.03 -3.82 20.24
C GLY B 602 6.18 -3.06 20.85
N LEU B 603 7.39 -3.28 20.30
CA LEU B 603 8.47 -2.32 20.52
C LEU B 603 8.21 -1.02 19.77
N PHE B 604 7.52 -1.12 18.64
CA PHE B 604 7.05 0.02 17.86
C PHE B 604 5.53 0.10 17.92
N THR B 605 5.02 1.32 17.72
CA THR B 605 3.58 1.52 17.52
C THR B 605 3.13 0.92 16.19
N ARG B 606 1.82 0.95 15.96
CA ARG B 606 1.29 0.42 14.70
C ARG B 606 1.79 1.23 13.51
N ASP B 607 2.03 2.54 13.70
CA ASP B 607 2.64 3.36 12.65
C ASP B 607 4.17 3.39 12.77
N ARG B 608 4.75 2.38 13.43
CA ARG B 608 6.18 2.08 13.38
C ARG B 608 7.01 3.17 14.07
N LYS B 609 6.49 3.69 15.16
CA LYS B 609 7.30 4.65 15.92
C LYS B 609 7.91 3.97 17.14
N PRO B 610 9.17 4.27 17.47
CA PRO B 610 9.85 3.52 18.56
C PRO B 610 9.44 3.98 19.96
N LYS B 611 9.03 3.03 20.78
CA LYS B 611 8.87 3.26 22.22
C LYS B 611 10.25 3.21 22.88
N LEU B 612 10.29 3.60 24.16
N LEU B 612 10.27 3.55 24.17
CA LEU B 612 11.55 3.55 24.91
CA LEU B 612 11.52 3.54 24.93
C LEU B 612 12.25 2.20 24.74
C LEU B 612 12.25 2.21 24.82
N ALA B 613 11.50 1.11 24.83
CA ALA B 613 12.11 -0.21 24.73
C ALA B 613 12.69 -0.48 23.36
N ALA B 614 12.19 0.18 22.31
CA ALA B 614 12.83 0.01 21.00
C ALA B 614 14.25 0.55 21.03
N HIS B 615 14.45 1.65 21.75
CA HIS B 615 15.80 2.20 21.89
C HIS B 615 16.66 1.35 22.80
N TYR B 616 16.05 0.78 23.85
CA TYR B 616 16.76 -0.18 24.69
C TYR B 616 17.30 -1.35 23.88
N PHE B 617 16.46 -1.93 23.02
CA PHE B 617 16.92 -3.08 22.24
C PHE B 617 17.92 -2.68 21.18
N LYS B 618 17.81 -1.46 20.62
CA LYS B 618 18.84 -1.03 19.68
C LYS B 618 20.20 -1.00 20.36
N GLU B 619 20.26 -0.45 21.58
CA GLU B 619 21.51 -0.47 22.34
C GLU B 619 21.94 -1.89 22.66
N ARG B 620 21.02 -2.72 23.16
CA ARG B 620 21.40 -4.08 23.55
C ARG B 620 21.88 -4.90 22.35
N TRP B 621 21.10 -4.91 21.28
CA TRP B 621 21.47 -5.72 20.13
C TRP B 621 22.70 -5.18 19.40
N SER B 622 23.01 -3.89 19.56
CA SER B 622 24.24 -3.34 18.98
C SER B 622 25.48 -3.99 19.59
N LYS B 623 25.38 -4.48 20.82
CA LYS B 623 26.51 -5.04 21.55
C LYS B 623 26.54 -6.56 21.56
N ILE B 624 25.60 -7.21 20.88
CA ILE B 624 25.54 -8.68 20.83
C ILE B 624 25.81 -9.11 19.39
N PRO B 625 26.83 -9.93 19.15
CA PRO B 625 27.10 -10.38 17.78
C PRO B 625 26.06 -11.39 17.30
N ASP B 626 25.89 -11.44 15.99
CA ASP B 626 25.00 -12.44 15.41
C ASP B 626 25.54 -13.84 15.63
N PHE B 627 26.87 -13.99 15.66
CA PHE B 627 27.53 -15.28 15.81
C PHE B 627 28.52 -15.20 16.96
N GLY B 628 28.61 -16.29 17.73
CA GLY B 628 29.61 -16.41 18.77
C GLY B 628 29.34 -15.63 20.04
N TYR B 629 28.09 -15.23 20.30
CA TYR B 629 27.75 -14.64 21.60
C TYR B 629 27.91 -15.66 22.72
N LYS B 630 27.45 -16.90 22.48
CA LYS B 630 27.57 -17.99 23.45
C LYS B 630 28.27 -19.14 22.72
N LYS B 631 29.58 -19.19 22.81
CA LYS B 631 30.35 -20.10 22.01
C LYS B 631 30.92 -21.24 22.85
S SO4 C . 17.18 21.54 -12.25
O1 SO4 C . 18.25 22.10 -11.42
O2 SO4 C . 15.94 21.57 -11.48
O3 SO4 C . 17.02 22.34 -13.46
O4 SO4 C . 17.51 20.16 -12.61
S SO4 D . 10.82 24.77 -19.45
O1 SO4 D . 12.20 24.37 -19.71
O2 SO4 D . 10.72 25.24 -18.07
O3 SO4 D . 9.93 23.63 -19.64
O4 SO4 D . 10.46 25.84 -20.36
S SO4 E . 5.83 28.74 -25.13
O1 SO4 E . 5.06 27.74 -24.41
O2 SO4 E . 7.14 28.89 -24.52
O3 SO4 E . 5.11 30.02 -25.09
O4 SO4 E . 5.99 28.32 -26.52
S SO4 F . 17.15 27.53 3.02
O1 SO4 F . 18.46 27.02 2.60
O2 SO4 F . 17.17 27.71 4.47
O3 SO4 F . 16.09 26.60 2.66
O4 SO4 F . 16.94 28.83 2.38
C1 MPD G . 5.70 31.07 -1.55
C2 MPD G . 4.59 30.42 -0.74
O2 MPD G . 4.27 29.15 -1.34
CM MPD G . 3.37 31.32 -0.70
C3 MPD G . 5.05 30.15 0.69
C4 MPD G . 6.20 29.14 0.68
O4 MPD G . 7.39 29.82 0.99
C5 MPD G . 5.93 28.05 1.71
S SO4 H . -3.03 8.17 -39.02
O1 SO4 H . -2.27 7.17 -38.28
O2 SO4 H . -2.44 9.49 -38.81
O3 SO4 H . -4.41 8.19 -38.54
O4 SO4 H . -3.00 7.84 -40.44
C1 MPD I . 1.85 28.20 4.67
C2 MPD I . 1.14 29.20 3.77
O2 MPD I . 0.13 28.54 2.96
CM MPD I . 2.16 29.83 2.82
C3 MPD I . 0.47 30.24 4.68
C4 MPD I . -0.39 31.22 3.90
O4 MPD I . -1.54 30.53 3.44
C5 MPD I . -0.86 32.39 4.75
C1 MPD J . 0.70 -11.75 -28.90
C2 MPD J . 0.86 -12.88 -29.93
O2 MPD J . 2.00 -12.56 -30.78
CM MPD J . -0.37 -13.01 -30.79
C3 MPD J . 1.18 -14.19 -29.20
C4 MPD J . 0.00 -14.69 -28.38
O4 MPD J . -0.70 -15.66 -29.12
C5 MPD J . 0.47 -15.27 -27.06
CL CL K . -0.82 25.94 6.64
CL CL L . 1.17 22.41 1.33
C1 MPD M . -6.09 -20.83 23.10
C2 MPD M . -4.96 -19.81 23.09
O2 MPD M . -4.62 -19.53 21.69
CM MPD M . -3.74 -20.36 23.82
C3 MPD M . -5.41 -18.52 23.76
C4 MPD M . -6.49 -17.79 22.98
O4 MPD M . -7.72 -17.96 23.63
C5 MPD M . -6.15 -16.31 22.87
C1 MPD N . -2.75 -16.49 24.83
C2 MPD N . -1.71 -15.41 25.14
O2 MPD N . -0.57 -15.64 24.29
CM MPD N . -2.30 -14.05 24.83
C3 MPD N . -1.30 -15.47 26.62
C4 MPD N . -0.30 -16.58 26.93
O4 MPD N . 0.89 -16.37 26.21
C5 MPD N . 0.02 -16.63 28.42
S SO4 O . -17.49 -15.19 23.00
O1 SO4 O . -17.57 -14.13 24.00
O2 SO4 O . -17.12 -16.44 23.66
O3 SO4 O . -18.79 -15.37 22.35
O4 SO4 O . -16.47 -14.84 22.01
S SO4 P . 12.53 -33.93 -28.81
O1 SO4 P . 12.21 -32.97 -27.74
O2 SO4 P . 13.94 -34.32 -28.75
O3 SO4 P . 12.27 -33.30 -30.10
O4 SO4 P . 11.71 -35.12 -28.63
S SO4 Q . -18.72 -14.81 -26.90
O1 SO4 Q . -17.28 -14.92 -27.09
O2 SO4 Q . -19.01 -14.00 -25.74
O3 SO4 Q . -19.31 -14.19 -28.08
O4 SO4 Q . -19.28 -16.15 -26.71
S SO4 R . 16.43 -34.43 -20.86
O1 SO4 R . 17.11 -35.48 -20.10
O2 SO4 R . 16.40 -33.18 -20.06
O3 SO4 R . 17.17 -34.17 -22.09
O4 SO4 R . 15.06 -34.85 -21.15
CL CL S . 0.26 -11.17 24.43
CL CL T . -1.50 -13.12 18.25
#